data_3BOW
#
_entry.id   3BOW
#
_cell.length_a   67.477
_cell.length_b   66.985
_cell.length_c   108.656
_cell.angle_alpha   90.00
_cell.angle_beta   100.76
_cell.angle_gamma   90.00
#
_symmetry.space_group_name_H-M   'P 1 21 1'
#
loop_
_entity.id
_entity.type
_entity.pdbx_description
1 polymer 'Calpain-2 catalytic subunit'
2 polymer 'Calpain small subunit 1'
3 polymer Calpastatin
4 non-polymer 'CALCIUM ION'
5 water water
#
loop_
_entity_poly.entity_id
_entity_poly.type
_entity_poly.pdbx_seq_one_letter_code
_entity_poly.pdbx_strand_id
1 'polypeptide(L)'
;MAGIAMKLAKDREAAEGLGSHERAIKYLNQDYETLRNECLEAGALFQDPSFPALPSSLGFKELGPYSSKTRGIEWKRPTE
ICADPQFIIGGATRTDICQGALGDSWLLAAIASLTLNEEILARVVPLDQSFQENYAGIFHFQFWQYGEWVEVVVDDRLPT
KDGELLFVHSAEGSEFWSALLEKAYAKINGCYEALSGGATTEGFEDFTGGIAEWYELRKPPPNLFKIIQKALEKGSLLGC
SIDITSAADSEAVTYQKLVKGHAYSVTGAEEVESSGSLQKLIRIRNPWGQVEWTGKWNDNCPSWNTVDPEVRANLTERQE
DGEFWMSFSDFLRHYSRLEICNLTPDTLTCDSYKKWKLTKMDGNWRRGSTAGGCRNYPNTFWMNPQYLIKLEEEDEDDED
GERGCTFLVGLIQKHRRRQRKMGEDMHTIGFGIYEVPEELTGQTNIHLSKNFFLTTRARERSDTFINLREVLNRFKLPPG
EYVLVPSTFEPHKNGDFCIRVFSEKKADYQTVDDEIEANIEEIEANEEDIGDGFRRLFAQLAGEDAEISAFELQTILRRV
LAKREDIKSDGFSIETCKIMVDMLDEDGSGKLGLKEFYILWTKIQKYQKIYREIDVDRSGTMNSYEMRKALEEAGFKLPC
QLHQVIVARFADDELIIDFDNFVRCLVRLEILFKIFKQLDPENTGTIQLDLISWLSFSVLGKLAAALEHHHHHH
;
A
2 'polypeptide(L)'
;MHYSNIEANESEEERQFRKLFVQLAGDDMEVSATELMNILNKVVTRHPDLKTDGFGIDTCRSMVAVMDSDTTGKLGFEEF
KYLWNNIKKWQGIYKRFDTDRSGTIGSNELPGAFEAAGFHLNQHIYSMIIRRYSDETGNMDFDNFISCLVRLDAMFRAFR
SLDKNGTGQIQVNIQEWLQLTMYS
;
B
3 'polypeptide(L)'
;MELDDALDELSDSLGQRQPDPDENKPLDDKVKEKIKAEHSEKLGERDDTIPPEYRHLLDNDGKDKPEKPLTKNTEKPGQD
QDPIDALSEDLDSCP
;
C
#
# COMPACT_ATOMS: atom_id res chain seq x y z
N ARG A 23 -13.28 11.89 3.68
CA ARG A 23 -11.89 11.35 3.69
C ARG A 23 -11.84 9.92 3.16
N ALA A 24 -10.82 9.65 2.36
CA ALA A 24 -10.61 8.39 1.66
C ALA A 24 -9.48 8.69 0.68
N ILE A 25 -8.46 7.84 0.66
CA ILE A 25 -7.31 8.02 -0.23
C ILE A 25 -7.79 8.14 -1.68
N LYS A 26 -7.27 9.12 -2.39
CA LYS A 26 -7.53 9.28 -3.80
C LYS A 26 -6.47 8.52 -4.59
N TYR A 27 -6.90 7.39 -5.17
CA TYR A 27 -6.01 6.52 -5.92
C TYR A 27 -5.43 7.27 -7.12
N LEU A 28 -4.09 7.27 -7.21
CA LEU A 28 -3.30 7.95 -8.25
C LEU A 28 -3.40 9.47 -8.18
N ASN A 29 -3.88 9.96 -7.04
CA ASN A 29 -4.16 11.39 -6.84
C ASN A 29 -5.20 11.95 -7.82
N GLN A 30 -6.05 11.07 -8.35
CA GLN A 30 -7.13 11.48 -9.24
C GLN A 30 -8.38 11.85 -8.44
N ASP A 31 -8.78 13.12 -8.55
CA ASP A 31 -10.05 13.57 -7.98
C ASP A 31 -11.16 13.51 -9.03
N TYR A 32 -12.20 12.75 -8.69
CA TYR A 32 -13.38 12.58 -9.52
C TYR A 32 -14.05 13.89 -9.96
N GLU A 33 -14.40 14.74 -8.99
CA GLU A 33 -15.11 15.99 -9.27
C GLU A 33 -14.27 16.97 -10.08
N THR A 34 -12.97 17.02 -9.79
CA THR A 34 -12.02 17.85 -10.54
C THR A 34 -11.94 17.41 -12.00
N LEU A 35 -11.71 16.12 -12.23
CA LEU A 35 -11.58 15.57 -13.57
C LEU A 35 -12.89 15.58 -14.36
N ARG A 36 -14.02 15.34 -13.68
CA ARG A 36 -15.34 15.46 -14.33
C ARG A 36 -15.62 16.90 -14.76
N ASN A 37 -15.40 17.84 -13.85
CA ASN A 37 -15.69 19.25 -14.10
C ASN A 37 -14.86 19.85 -15.24
N GLU A 38 -13.58 19.47 -15.32
CA GLU A 38 -12.70 19.90 -16.42
C GLU A 38 -13.12 19.32 -17.77
N CYS A 39 -13.55 18.06 -17.77
CA CYS A 39 -14.07 17.40 -18.98
C CYS A 39 -15.39 18.02 -19.46
N LEU A 40 -16.30 18.28 -18.53
CA LEU A 40 -17.58 18.94 -18.84
C LEU A 40 -17.36 20.33 -19.41
N GLU A 41 -16.49 21.10 -18.76
CA GLU A 41 -16.13 22.43 -19.22
C GLU A 41 -15.36 22.41 -20.55
N ALA A 42 -14.64 21.32 -20.81
CA ALA A 42 -13.91 21.13 -22.06
C ALA A 42 -14.79 20.49 -23.13
N GLY A 43 -15.99 20.08 -22.74
CA GLY A 43 -16.88 19.34 -23.63
C GLY A 43 -16.25 18.05 -24.11
N ALA A 44 -15.37 17.49 -23.28
CA ALA A 44 -14.63 16.26 -23.58
C ALA A 44 -15.15 15.07 -22.77
N LEU A 45 -14.81 13.87 -23.22
CA LEU A 45 -15.03 12.66 -22.44
C LEU A 45 -13.70 12.15 -21.89
N PHE A 46 -13.71 11.79 -20.61
CA PHE A 46 -12.50 11.39 -19.87
C PHE A 46 -11.77 10.18 -20.47
N GLN A 47 -10.46 10.34 -20.67
CA GLN A 47 -9.56 9.24 -21.05
C GLN A 47 -8.50 9.03 -19.96
N ASP A 48 -8.63 7.91 -19.24
CA ASP A 48 -7.73 7.60 -18.12
C ASP A 48 -6.34 7.19 -18.62
N PRO A 49 -5.33 8.07 -18.42
CA PRO A 49 -3.96 7.75 -18.84
C PRO A 49 -3.29 6.63 -18.03
N SER A 50 -3.86 6.31 -16.87
CA SER A 50 -3.26 5.36 -15.94
C SER A 50 -3.75 3.92 -16.14
N PHE A 51 -4.89 3.78 -16.82
CA PHE A 51 -5.48 2.49 -17.15
C PHE A 51 -6.08 2.68 -18.52
N PRO A 52 -5.23 2.75 -19.56
CA PRO A 52 -5.75 3.14 -20.86
C PRO A 52 -6.49 2.00 -21.56
N ALA A 53 -7.28 2.34 -22.57
CA ALA A 53 -8.00 1.37 -23.39
C ALA A 53 -7.04 0.66 -24.34
N LEU A 54 -6.23 -0.25 -23.80
CA LEU A 54 -5.18 -0.93 -24.54
C LEU A 54 -5.00 -2.36 -24.00
N PRO A 55 -4.36 -3.26 -24.77
CA PRO A 55 -4.21 -4.67 -24.36
C PRO A 55 -3.58 -4.91 -22.99
N SER A 56 -2.73 -3.98 -22.55
CA SER A 56 -2.05 -4.06 -21.24
C SER A 56 -3.04 -4.03 -20.08
N SER A 57 -4.16 -3.32 -20.27
CA SER A 57 -5.23 -3.25 -19.27
C SER A 57 -6.11 -4.50 -19.22
N LEU A 58 -6.03 -5.32 -20.26
CA LEU A 58 -6.77 -6.58 -20.33
C LEU A 58 -6.06 -7.70 -19.57
N GLY A 59 -4.76 -7.84 -19.83
CA GLY A 59 -3.97 -8.92 -19.27
C GLY A 59 -2.55 -8.98 -19.76
N PHE A 60 -1.90 -10.10 -19.51
CA PHE A 60 -0.44 -10.24 -19.66
C PHE A 60 -0.06 -11.62 -20.20
N LYS A 61 -0.99 -12.56 -20.14
CA LYS A 61 -0.75 -13.90 -20.62
C LYS A 61 -1.95 -14.37 -21.46
N GLU A 62 -3.00 -14.85 -20.81
CA GLU A 62 -4.21 -15.35 -21.48
C GLU A 62 -5.01 -14.24 -22.19
N LEU A 63 -4.85 -13.01 -21.71
CA LEU A 63 -5.52 -11.83 -22.26
C LEU A 63 -4.49 -10.75 -22.61
N GLY A 64 -3.24 -11.15 -22.78
CA GLY A 64 -2.18 -10.23 -23.17
C GLY A 64 -2.19 -9.90 -24.66
N PRO A 65 -1.21 -9.09 -25.10
CA PRO A 65 -1.07 -8.64 -26.50
C PRO A 65 -0.84 -9.78 -27.49
N TYR A 66 -0.34 -10.91 -27.00
CA TYR A 66 0.05 -12.02 -27.87
C TYR A 66 -0.88 -13.21 -27.77
N SER A 67 -2.02 -13.02 -27.13
CA SER A 67 -3.03 -14.08 -27.01
C SER A 67 -4.09 -13.89 -28.07
N SER A 68 -4.37 -14.97 -28.82
CA SER A 68 -5.37 -14.92 -29.89
C SER A 68 -6.82 -14.74 -29.37
N LYS A 69 -6.99 -14.84 -28.06
CA LYS A 69 -8.30 -14.64 -27.44
C LYS A 69 -8.67 -13.14 -27.40
N THR A 70 -7.67 -12.30 -27.59
CA THR A 70 -7.84 -10.85 -27.51
C THR A 70 -8.09 -10.19 -28.85
N ARG A 71 -8.09 -10.99 -29.93
CA ARG A 71 -8.39 -10.49 -31.27
C ARG A 71 -9.85 -10.07 -31.36
N GLY A 72 -10.09 -8.91 -31.94
CA GLY A 72 -11.43 -8.39 -32.11
C GLY A 72 -11.97 -7.65 -30.90
N ILE A 73 -11.17 -7.56 -29.84
CA ILE A 73 -11.60 -6.84 -28.64
C ILE A 73 -11.53 -5.33 -28.87
N GLU A 74 -12.64 -4.65 -28.59
CA GLU A 74 -12.68 -3.19 -28.71
C GLU A 74 -13.23 -2.61 -27.44
N TRP A 75 -12.61 -1.53 -26.97
CA TRP A 75 -13.10 -0.81 -25.83
C TRP A 75 -14.16 0.16 -26.33
N LYS A 76 -15.35 0.08 -25.75
CA LYS A 76 -16.46 0.95 -26.12
C LYS A 76 -17.04 1.59 -24.87
N ARG A 77 -17.35 2.88 -24.94
CA ARG A 77 -18.12 3.51 -23.90
C ARG A 77 -19.55 3.00 -24.02
N PRO A 78 -20.29 2.96 -22.89
CA PRO A 78 -21.68 2.54 -22.90
C PRO A 78 -22.54 3.38 -23.85
N THR A 79 -22.08 4.59 -24.13
CA THR A 79 -22.75 5.52 -25.06
C THR A 79 -22.45 5.18 -26.53
N GLU A 80 -21.45 4.34 -26.76
CA GLU A 80 -21.10 3.86 -28.09
C GLU A 80 -21.75 2.50 -28.41
N ILE A 81 -22.24 1.78 -27.39
CA ILE A 81 -22.90 0.50 -27.62
C ILE A 81 -24.41 0.52 -27.44
N CYS A 82 -24.93 1.57 -26.78
CA CYS A 82 -26.35 1.93 -26.87
C CYS A 82 -26.55 3.43 -26.74
N ALA A 83 -27.71 3.91 -27.19
CA ALA A 83 -28.01 5.35 -27.21
C ALA A 83 -28.57 5.88 -25.89
N ASP A 84 -29.01 4.96 -25.02
CA ASP A 84 -29.55 5.35 -23.71
C ASP A 84 -29.03 4.49 -22.55
N PRO A 85 -27.71 4.53 -22.28
CA PRO A 85 -27.20 3.73 -21.17
C PRO A 85 -27.67 4.26 -19.82
N GLN A 86 -27.90 3.35 -18.88
CA GLN A 86 -28.23 3.70 -17.50
C GLN A 86 -27.08 3.27 -16.59
N PHE A 87 -26.76 4.10 -15.60
CA PHE A 87 -25.86 3.66 -14.55
C PHE A 87 -26.50 2.53 -13.73
N ILE A 88 -27.62 2.83 -13.09
CA ILE A 88 -28.46 1.82 -12.43
C ILE A 88 -29.90 1.95 -12.91
N ILE A 89 -30.53 0.81 -13.17
CA ILE A 89 -31.96 0.76 -13.45
C ILE A 89 -32.55 -0.41 -12.67
N GLY A 90 -33.74 -0.18 -12.12
CA GLY A 90 -34.45 -1.14 -11.26
C GLY A 90 -33.75 -1.39 -9.94
N GLY A 91 -32.89 -0.47 -9.54
CA GLY A 91 -32.04 -0.69 -8.38
C GLY A 91 -30.75 -1.40 -8.72
N ALA A 92 -29.81 -1.35 -7.78
CA ALA A 92 -28.57 -2.09 -7.85
C ALA A 92 -28.73 -3.43 -7.15
N THR A 93 -29.10 -4.45 -7.92
CA THR A 93 -29.46 -5.75 -7.31
C THR A 93 -28.56 -6.85 -7.85
N ARG A 94 -28.66 -8.05 -7.28
CA ARG A 94 -27.71 -9.13 -7.59
C ARG A 94 -27.81 -9.62 -9.03
N THR A 95 -29.00 -9.50 -9.62
CA THR A 95 -29.22 -9.91 -11.01
C THR A 95 -28.49 -9.00 -12.00
N ASP A 96 -27.97 -7.88 -11.49
CA ASP A 96 -27.16 -6.97 -12.27
C ASP A 96 -25.70 -7.49 -12.39
N ILE A 97 -25.39 -8.64 -11.78
CA ILE A 97 -24.03 -9.19 -11.77
C ILE A 97 -23.96 -10.53 -12.50
N CYS A 98 -23.61 -10.49 -13.78
CA CYS A 98 -23.50 -11.71 -14.58
C CYS A 98 -22.09 -11.85 -15.12
N GLN A 99 -21.48 -12.98 -14.82
CA GLN A 99 -20.10 -13.23 -15.20
C GLN A 99 -19.90 -13.27 -16.72
N GLY A 100 -18.75 -12.73 -17.13
CA GLY A 100 -18.30 -12.76 -18.51
C GLY A 100 -17.12 -13.69 -18.65
N ALA A 101 -16.16 -13.28 -19.49
CA ALA A 101 -15.09 -14.14 -19.92
C ALA A 101 -13.85 -14.01 -19.03
N LEU A 102 -14.07 -14.11 -17.73
CA LEU A 102 -13.02 -13.92 -16.74
C LEU A 102 -13.36 -14.78 -15.55
N GLY A 103 -12.35 -15.36 -14.92
CA GLY A 103 -12.54 -16.19 -13.74
C GLY A 103 -12.60 -15.42 -12.42
N ASP A 104 -13.41 -14.36 -12.37
CA ASP A 104 -13.49 -13.53 -11.16
C ASP A 104 -14.76 -13.75 -10.32
N SER A 105 -15.28 -14.97 -10.32
CA SER A 105 -16.54 -15.30 -9.63
C SER A 105 -16.48 -14.88 -8.17
N TRP A 106 -15.31 -15.04 -7.57
CA TRP A 106 -15.07 -14.62 -6.20
C TRP A 106 -15.43 -13.16 -5.98
N LEU A 107 -15.09 -12.30 -6.95
CA LEU A 107 -15.36 -10.86 -6.87
C LEU A 107 -16.84 -10.60 -7.09
N LEU A 108 -17.41 -11.26 -8.11
CA LEU A 108 -18.80 -11.07 -8.52
C LEU A 108 -19.83 -11.57 -7.48
N ALA A 109 -19.56 -12.73 -6.87
CA ALA A 109 -20.36 -13.21 -5.76
C ALA A 109 -20.33 -12.22 -4.60
N ALA A 110 -19.16 -11.60 -4.38
CA ALA A 110 -18.98 -10.54 -3.38
C ALA A 110 -19.88 -9.34 -3.68
N ILE A 111 -19.89 -8.90 -4.94
CA ILE A 111 -20.73 -7.79 -5.38
C ILE A 111 -22.20 -8.12 -5.18
N ALA A 112 -22.61 -9.31 -5.66
CA ALA A 112 -23.98 -9.78 -5.53
C ALA A 112 -24.46 -9.81 -4.09
N SER A 113 -23.61 -10.27 -3.18
CA SER A 113 -23.95 -10.34 -1.74
C SER A 113 -24.11 -8.96 -1.15
N LEU A 114 -23.23 -8.05 -1.58
CA LEU A 114 -23.21 -6.66 -1.18
C LEU A 114 -24.52 -5.93 -1.50
N THR A 115 -25.13 -6.23 -2.65
CA THR A 115 -26.40 -5.59 -3.06
C THR A 115 -27.54 -5.82 -2.07
N LEU A 116 -27.39 -6.84 -1.24
CA LEU A 116 -28.41 -7.16 -0.25
C LEU A 116 -28.36 -6.26 1.00
N ASN A 117 -27.23 -5.57 1.19
CA ASN A 117 -27.07 -4.60 2.25
C ASN A 117 -26.92 -3.21 1.59
N GLU A 118 -28.05 -2.57 1.34
CA GLU A 118 -28.13 -1.29 0.61
C GLU A 118 -27.25 -0.16 1.16
N GLU A 119 -27.14 -0.08 2.49
CA GLU A 119 -26.34 0.94 3.16
C GLU A 119 -24.84 0.80 2.92
N ILE A 120 -24.34 -0.42 2.89
CA ILE A 120 -22.92 -0.64 2.64
C ILE A 120 -22.63 -0.62 1.14
N LEU A 121 -23.57 -1.10 0.33
CA LEU A 121 -23.49 -0.98 -1.13
C LEU A 121 -23.32 0.47 -1.58
N ALA A 122 -24.03 1.39 -0.92
CA ALA A 122 -23.98 2.83 -1.23
C ALA A 122 -22.64 3.52 -0.94
N ARG A 123 -21.73 2.87 -0.22
CA ARG A 123 -20.40 3.42 0.00
C ARG A 123 -19.42 3.02 -1.11
N VAL A 124 -19.50 1.76 -1.53
CA VAL A 124 -18.70 1.27 -2.66
C VAL A 124 -19.13 1.94 -3.97
N VAL A 125 -20.43 2.05 -4.17
CA VAL A 125 -21.01 2.55 -5.42
C VAL A 125 -21.76 3.85 -5.19
N PRO A 126 -21.10 5.00 -5.45
CA PRO A 126 -21.87 6.23 -5.38
C PRO A 126 -23.10 6.13 -6.31
N LEU A 127 -24.28 6.12 -5.69
CA LEU A 127 -25.54 5.77 -6.37
C LEU A 127 -26.08 6.86 -7.29
N ASP A 128 -25.50 8.07 -7.17
CA ASP A 128 -26.00 9.23 -7.89
C ASP A 128 -25.38 9.49 -9.27
N GLN A 129 -24.55 8.56 -9.76
CA GLN A 129 -23.85 8.76 -11.03
C GLN A 129 -24.79 8.48 -12.20
N SER A 130 -24.56 9.13 -13.33
CA SER A 130 -25.54 9.07 -14.42
C SER A 130 -24.92 9.32 -15.80
N PHE A 131 -25.49 8.69 -16.82
CA PHE A 131 -25.15 8.99 -18.21
C PHE A 131 -25.93 10.21 -18.75
N GLN A 132 -26.96 10.63 -18.02
CA GLN A 132 -27.85 11.72 -18.45
C GLN A 132 -27.57 13.10 -17.84
N GLU A 133 -26.97 13.14 -16.65
CA GLU A 133 -26.63 14.42 -16.02
C GLU A 133 -25.15 14.51 -15.68
N ASN A 134 -24.52 15.61 -16.10
CA ASN A 134 -23.10 15.85 -15.88
C ASN A 134 -22.23 14.69 -16.40
N TYR A 135 -22.66 14.12 -17.52
CA TYR A 135 -21.92 13.04 -18.13
C TYR A 135 -20.66 13.54 -18.83
N ALA A 136 -19.52 12.95 -18.48
CA ALA A 136 -18.22 13.29 -19.04
C ALA A 136 -17.32 12.04 -19.15
N GLY A 137 -17.95 10.87 -19.26
CA GLY A 137 -17.23 9.61 -19.42
C GLY A 137 -16.35 9.19 -18.26
N ILE A 138 -16.64 9.68 -17.07
CA ILE A 138 -15.88 9.34 -15.86
C ILE A 138 -16.81 8.83 -14.74
N PHE A 139 -16.40 7.74 -14.08
CA PHE A 139 -17.11 7.18 -12.95
C PHE A 139 -16.16 6.92 -11.77
N HIS A 140 -16.72 6.75 -10.58
CA HIS A 140 -15.87 6.51 -9.41
C HIS A 140 -16.47 5.46 -8.47
N PHE A 141 -15.60 4.81 -7.70
CA PHE A 141 -16.00 3.75 -6.77
C PHE A 141 -15.11 3.81 -5.53
N GLN A 142 -15.50 3.12 -4.47
CA GLN A 142 -14.72 3.10 -3.23
C GLN A 142 -14.47 1.68 -2.77
N PHE A 143 -13.21 1.36 -2.50
CA PHE A 143 -12.82 0.04 -2.02
C PHE A 143 -12.02 0.16 -0.74
N TRP A 144 -12.28 -0.77 0.18
CA TRP A 144 -11.44 -0.94 1.35
C TRP A 144 -10.17 -1.66 0.89
N GLN A 145 -9.02 -1.03 1.12
CA GLN A 145 -7.74 -1.64 0.77
C GLN A 145 -6.79 -1.66 1.95
N TYR A 146 -6.72 -2.81 2.61
CA TYR A 146 -5.78 -3.08 3.70
C TYR A 146 -5.82 -2.05 4.82
N GLY A 147 -7.04 -1.75 5.29
CA GLY A 147 -7.23 -0.86 6.42
C GLY A 147 -7.65 0.55 6.05
N GLU A 148 -7.55 0.89 4.76
CA GLU A 148 -7.89 2.21 4.25
C GLU A 148 -8.95 2.14 3.16
N TRP A 149 -9.88 3.09 3.17
CA TRP A 149 -10.81 3.26 2.07
C TRP A 149 -10.14 4.04 0.96
N VAL A 150 -10.38 3.62 -0.27
CA VAL A 150 -9.70 4.15 -1.46
C VAL A 150 -10.72 4.46 -2.55
N GLU A 151 -10.72 5.71 -3.03
CA GLU A 151 -11.56 6.08 -4.17
C GLU A 151 -10.80 5.89 -5.48
N VAL A 152 -11.45 5.20 -6.42
CA VAL A 152 -10.91 4.86 -7.73
C VAL A 152 -11.83 5.49 -8.80
N VAL A 153 -11.25 6.29 -9.69
CA VAL A 153 -11.97 6.79 -10.87
C VAL A 153 -11.64 5.93 -12.07
N VAL A 154 -12.60 5.78 -12.97
CA VAL A 154 -12.36 5.09 -14.23
C VAL A 154 -13.04 5.89 -15.33
N ASP A 155 -12.50 5.82 -16.54
CA ASP A 155 -13.30 6.22 -17.68
C ASP A 155 -14.25 5.07 -18.04
N ASP A 156 -15.35 5.36 -18.71
CA ASP A 156 -16.36 4.35 -18.94
C ASP A 156 -16.13 3.41 -20.16
N ARG A 157 -14.96 3.48 -20.80
CA ARG A 157 -14.62 2.53 -21.86
C ARG A 157 -14.45 1.11 -21.30
N LEU A 158 -15.32 0.19 -21.74
CA LEU A 158 -15.32 -1.20 -21.27
C LEU A 158 -14.98 -2.15 -22.41
N PRO A 159 -14.27 -3.26 -22.12
CA PRO A 159 -13.96 -4.19 -23.21
C PRO A 159 -15.22 -4.84 -23.80
N THR A 160 -15.26 -4.89 -25.14
CA THR A 160 -16.33 -5.57 -25.86
C THR A 160 -15.76 -6.51 -26.91
N LYS A 161 -16.57 -7.48 -27.31
CA LYS A 161 -16.27 -8.34 -28.43
C LYS A 161 -17.60 -8.63 -29.11
N ASP A 162 -17.64 -8.48 -30.43
CA ASP A 162 -18.87 -8.66 -31.20
C ASP A 162 -20.01 -7.72 -30.76
N GLY A 163 -19.66 -6.53 -30.28
CA GLY A 163 -20.64 -5.53 -29.85
C GLY A 163 -21.18 -5.69 -28.43
N GLU A 164 -20.79 -6.79 -27.79
CA GLU A 164 -21.25 -7.12 -26.45
C GLU A 164 -20.13 -7.02 -25.41
N LEU A 165 -20.50 -6.60 -24.21
CA LEU A 165 -19.62 -6.61 -23.06
C LEU A 165 -18.96 -7.98 -22.88
N LEU A 166 -17.63 -7.96 -22.76
CA LEU A 166 -16.85 -9.20 -22.69
C LEU A 166 -16.85 -9.78 -21.29
N PHE A 167 -16.80 -8.89 -20.29
CA PHE A 167 -16.72 -9.29 -18.88
C PHE A 167 -18.06 -9.12 -18.16
N VAL A 168 -18.07 -8.66 -16.90
CA VAL A 168 -19.35 -8.53 -16.17
C VAL A 168 -20.34 -7.60 -16.91
N HIS A 169 -21.61 -7.96 -16.82
CA HIS A 169 -22.70 -7.25 -17.47
C HIS A 169 -23.95 -7.50 -16.64
N SER A 170 -24.96 -6.64 -16.80
CA SER A 170 -26.19 -6.80 -16.04
C SER A 170 -27.16 -7.63 -16.86
N ALA A 171 -28.03 -8.40 -16.21
CA ALA A 171 -29.13 -9.07 -16.90
C ALA A 171 -29.96 -8.04 -17.66
N GLU A 172 -29.92 -6.80 -17.19
CA GLU A 172 -30.45 -5.65 -17.93
C GLU A 172 -29.34 -5.11 -18.83
N GLY A 173 -29.41 -5.44 -20.12
CA GLY A 173 -28.38 -5.09 -21.10
C GLY A 173 -27.87 -3.64 -21.10
N SER A 174 -28.78 -2.70 -20.84
CA SER A 174 -28.44 -1.27 -20.83
C SER A 174 -27.96 -0.71 -19.47
N GLU A 175 -27.75 -1.59 -18.48
CA GLU A 175 -27.27 -1.18 -17.15
C GLU A 175 -25.76 -1.43 -17.01
N PHE A 176 -25.05 -0.44 -16.45
CA PHE A 176 -23.58 -0.43 -16.51
C PHE A 176 -22.82 -0.25 -15.20
N TRP A 177 -23.52 -0.08 -14.07
CA TRP A 177 -22.82 0.11 -12.78
C TRP A 177 -21.85 -1.03 -12.44
N SER A 178 -22.28 -2.29 -12.60
CA SER A 178 -21.47 -3.46 -12.21
C SER A 178 -20.28 -3.66 -13.12
N ALA A 179 -20.48 -3.44 -14.43
CA ALA A 179 -19.42 -3.42 -15.43
C ALA A 179 -18.30 -2.43 -15.06
N LEU A 180 -18.71 -1.24 -14.62
CA LEU A 180 -17.82 -0.16 -14.24
C LEU A 180 -17.13 -0.41 -12.91
N LEU A 181 -17.83 -1.07 -11.98
CA LEU A 181 -17.28 -1.48 -10.69
C LEU A 181 -16.15 -2.50 -10.87
N GLU A 182 -16.42 -3.52 -11.67
CA GLU A 182 -15.40 -4.52 -12.00
C GLU A 182 -14.19 -3.90 -12.71
N LYS A 183 -14.43 -2.90 -13.56
CA LYS A 183 -13.31 -2.21 -14.22
C LYS A 183 -12.44 -1.50 -13.19
N ALA A 184 -13.09 -0.78 -12.27
CA ALA A 184 -12.37 -0.02 -11.25
C ALA A 184 -11.52 -0.96 -10.38
N TYR A 185 -12.08 -2.14 -10.08
CA TYR A 185 -11.36 -3.14 -9.30
C TYR A 185 -10.24 -3.78 -10.10
N ALA A 186 -10.45 -4.00 -11.40
CA ALA A 186 -9.37 -4.40 -12.32
C ALA A 186 -8.24 -3.36 -12.37
N LYS A 187 -8.62 -2.08 -12.37
CA LYS A 187 -7.65 -0.98 -12.41
C LYS A 187 -6.64 -1.03 -11.27
N ILE A 188 -7.12 -1.15 -10.02
CA ILE A 188 -6.23 -1.20 -8.85
C ILE A 188 -5.33 -2.45 -8.81
N ASN A 189 -5.74 -3.50 -9.54
CA ASN A 189 -4.93 -4.72 -9.65
C ASN A 189 -4.04 -4.77 -10.89
N GLY A 190 -4.04 -3.70 -11.69
CA GLY A 190 -3.21 -3.62 -12.88
C GLY A 190 -3.93 -3.96 -14.19
N CYS A 191 -4.79 -4.98 -14.15
CA CYS A 191 -5.51 -5.48 -15.33
C CYS A 191 -6.67 -6.41 -14.97
N TYR A 192 -7.45 -6.82 -15.97
CA TYR A 192 -8.56 -7.73 -15.79
C TYR A 192 -8.11 -9.17 -15.54
N GLU A 193 -7.14 -9.66 -16.32
CA GLU A 193 -6.65 -11.03 -16.13
C GLU A 193 -6.15 -11.33 -14.69
N ALA A 194 -5.71 -10.29 -14.00
CA ALA A 194 -5.22 -10.42 -12.63
C ALA A 194 -6.34 -10.69 -11.63
N LEU A 195 -7.58 -10.56 -12.06
CA LEU A 195 -8.73 -10.79 -11.18
C LEU A 195 -9.16 -12.25 -11.19
N SER A 196 -8.46 -13.05 -11.97
CA SER A 196 -8.74 -14.48 -12.09
C SER A 196 -8.23 -15.28 -10.89
N GLY A 197 -9.12 -15.97 -10.20
CA GLY A 197 -8.75 -16.81 -9.05
C GLY A 197 -8.72 -16.04 -7.74
N GLY A 198 -9.44 -16.53 -6.73
CA GLY A 198 -9.43 -15.89 -5.43
C GLY A 198 -10.47 -16.40 -4.46
N ALA A 199 -10.41 -15.92 -3.23
CA ALA A 199 -11.41 -16.21 -2.22
C ALA A 199 -12.45 -15.09 -2.23
N THR A 200 -13.71 -15.45 -2.08
CA THR A 200 -14.82 -14.47 -2.07
C THR A 200 -14.65 -13.50 -0.92
N THR A 201 -14.02 -13.98 0.15
CA THR A 201 -13.70 -13.15 1.30
C THR A 201 -12.91 -11.89 0.92
N GLU A 202 -12.06 -12.00 -0.12
CA GLU A 202 -11.28 -10.86 -0.60
C GLU A 202 -12.17 -9.76 -1.12
N GLY A 203 -13.19 -10.12 -1.89
CA GLY A 203 -14.20 -9.17 -2.35
C GLY A 203 -15.02 -8.65 -1.19
N PHE A 204 -15.49 -9.56 -0.34
CA PHE A 204 -16.26 -9.20 0.86
C PHE A 204 -15.56 -8.11 1.65
N GLU A 205 -14.30 -8.37 2.02
CA GLU A 205 -13.45 -7.41 2.74
C GLU A 205 -13.27 -6.07 2.02
N ASP A 206 -13.07 -6.12 0.70
CA ASP A 206 -12.73 -4.91 -0.05
C ASP A 206 -13.96 -4.04 -0.28
N PHE A 207 -15.12 -4.60 0.08
CA PHE A 207 -16.40 -3.92 -0.02
C PHE A 207 -16.95 -3.52 1.35
N THR A 208 -16.33 -3.99 2.44
CA THR A 208 -16.84 -3.75 3.81
C THR A 208 -15.81 -3.36 4.86
N GLY A 209 -14.55 -3.77 4.66
CA GLY A 209 -13.58 -3.71 5.75
C GLY A 209 -13.96 -4.62 6.91
N GLY A 210 -14.85 -5.57 6.63
CA GLY A 210 -15.40 -6.46 7.64
C GLY A 210 -14.43 -7.53 8.11
N ILE A 211 -14.97 -8.45 8.90
CA ILE A 211 -14.16 -9.47 9.57
C ILE A 211 -14.68 -10.85 9.19
N ALA A 212 -13.78 -11.67 8.68
CA ALA A 212 -14.13 -12.99 8.16
C ALA A 212 -14.45 -14.01 9.25
N GLU A 213 -15.47 -14.80 8.98
CA GLU A 213 -15.77 -15.99 9.76
C GLU A 213 -16.02 -17.12 8.76
N TRP A 214 -15.28 -18.21 8.87
CA TRP A 214 -15.33 -19.28 7.88
C TRP A 214 -15.78 -20.59 8.52
N TYR A 215 -16.60 -21.33 7.80
CA TYR A 215 -17.05 -22.64 8.25
C TYR A 215 -16.71 -23.71 7.23
N GLU A 216 -16.16 -24.82 7.70
CA GLU A 216 -15.95 -26.01 6.88
C GLU A 216 -17.21 -26.86 7.01
N LEU A 217 -17.88 -27.13 5.90
CA LEU A 217 -19.22 -27.75 5.96
C LEU A 217 -19.24 -29.25 6.28
N ARG A 218 -18.07 -29.87 6.33
CA ARG A 218 -17.96 -31.27 6.71
C ARG A 218 -17.79 -31.39 8.21
N LYS A 219 -17.38 -30.30 8.85
CA LYS A 219 -17.28 -30.19 10.30
C LYS A 219 -18.03 -28.92 10.75
N PRO A 220 -19.36 -28.88 10.54
CA PRO A 220 -20.07 -27.62 10.80
C PRO A 220 -20.46 -27.47 12.27
N PRO A 221 -20.62 -26.23 12.76
CA PRO A 221 -21.12 -26.09 14.13
C PRO A 221 -22.59 -26.51 14.19
N PRO A 222 -23.06 -26.96 15.37
CA PRO A 222 -24.50 -27.14 15.43
C PRO A 222 -25.16 -25.76 15.38
N ASN A 223 -26.45 -25.74 15.02
CA ASN A 223 -27.18 -24.48 14.82
C ASN A 223 -26.61 -23.62 13.71
N LEU A 224 -25.97 -24.25 12.72
CA LEU A 224 -25.39 -23.52 11.57
C LEU A 224 -26.45 -22.85 10.69
N PHE A 225 -27.66 -23.42 10.68
CA PHE A 225 -28.73 -22.81 9.94
C PHE A 225 -29.18 -21.51 10.63
N LYS A 226 -29.20 -21.52 11.96
CA LYS A 226 -29.50 -20.31 12.73
C LYS A 226 -28.41 -19.25 12.58
N ILE A 227 -27.14 -19.69 12.52
CA ILE A 227 -25.99 -18.82 12.25
C ILE A 227 -26.14 -18.11 10.91
N ILE A 228 -26.48 -18.86 9.87
CA ILE A 228 -26.65 -18.33 8.52
C ILE A 228 -27.79 -17.30 8.48
N GLN A 229 -28.93 -17.64 9.09
CA GLN A 229 -30.07 -16.73 9.20
C GLN A 229 -29.71 -15.44 9.93
N LYS A 230 -29.02 -15.58 11.05
CA LYS A 230 -28.53 -14.45 11.81
C LYS A 230 -27.57 -13.57 10.97
N ALA A 231 -26.61 -14.19 10.28
CA ALA A 231 -25.68 -13.43 9.43
C ALA A 231 -26.43 -12.58 8.40
N LEU A 232 -27.42 -13.18 7.74
CA LEU A 232 -28.25 -12.48 6.75
C LEU A 232 -29.07 -11.36 7.36
N GLU A 233 -29.77 -11.64 8.45
CA GLU A 233 -30.49 -10.61 9.21
C GLU A 233 -29.59 -9.42 9.55
N LYS A 234 -28.31 -9.68 9.82
CA LYS A 234 -27.38 -8.68 10.34
C LYS A 234 -26.60 -7.90 9.29
N GLY A 235 -26.79 -8.24 8.02
CA GLY A 235 -26.13 -7.52 6.95
C GLY A 235 -24.73 -8.04 6.63
N SER A 236 -24.38 -9.19 7.21
CA SER A 236 -23.15 -9.91 6.85
C SER A 236 -23.26 -10.41 5.43
N LEU A 237 -22.12 -10.62 4.79
CA LEU A 237 -22.07 -11.12 3.42
C LEU A 237 -21.62 -12.57 3.45
N LEU A 238 -22.29 -13.42 2.66
CA LEU A 238 -22.10 -14.87 2.72
C LEU A 238 -21.87 -15.46 1.35
N GLY A 239 -20.91 -16.37 1.26
CA GLY A 239 -20.59 -17.06 0.02
C GLY A 239 -20.26 -18.51 0.32
N CYS A 240 -20.42 -19.38 -0.66
CA CYS A 240 -20.12 -20.79 -0.48
C CYS A 240 -19.50 -21.33 -1.75
N SER A 241 -18.85 -22.49 -1.67
CA SER A 241 -18.14 -23.04 -2.82
C SER A 241 -17.88 -24.53 -2.61
N ILE A 242 -17.61 -25.23 -3.71
CA ILE A 242 -17.30 -26.65 -3.68
C ILE A 242 -15.81 -26.87 -3.98
N ASP A 243 -15.13 -27.63 -3.13
CA ASP A 243 -13.72 -27.97 -3.36
C ASP A 243 -13.55 -28.76 -4.65
N ILE A 244 -12.73 -28.25 -5.56
CA ILE A 244 -12.59 -28.82 -6.91
C ILE A 244 -11.43 -29.81 -6.99
N THR A 245 -10.33 -29.49 -6.33
CA THR A 245 -9.24 -30.47 -6.16
C THR A 245 -9.70 -31.37 -5.01
N SER A 246 -10.03 -32.61 -5.36
CA SER A 246 -10.96 -33.51 -4.64
C SER A 246 -12.39 -33.35 -5.18
N ALA A 247 -12.50 -33.36 -6.52
CA ALA A 247 -13.77 -33.39 -7.25
C ALA A 247 -13.53 -33.59 -8.75
N ALA A 248 -14.52 -34.17 -9.44
CA ALA A 248 -14.37 -34.68 -10.83
C ALA A 248 -13.31 -33.96 -11.68
N ASP A 249 -12.11 -34.57 -11.71
CA ASP A 249 -10.90 -33.99 -12.29
C ASP A 249 -11.15 -32.83 -13.25
N SER A 250 -11.69 -33.16 -14.42
CA SER A 250 -11.85 -32.19 -15.50
C SER A 250 -13.29 -31.69 -15.70
N GLU A 251 -14.22 -32.14 -14.85
CA GLU A 251 -15.59 -31.64 -14.85
C GLU A 251 -15.81 -30.67 -13.68
N ALA A 252 -15.82 -29.37 -13.95
CA ALA A 252 -16.21 -28.38 -12.94
C ALA A 252 -17.72 -28.41 -12.72
N VAL A 253 -18.48 -28.65 -13.78
CA VAL A 253 -19.94 -28.66 -13.70
C VAL A 253 -20.44 -30.08 -13.39
N THR A 254 -21.13 -30.21 -12.26
CA THR A 254 -21.63 -31.50 -11.84
C THR A 254 -22.94 -31.85 -12.56
N TYR A 255 -23.35 -33.11 -12.43
CA TYR A 255 -24.58 -33.61 -13.04
C TYR A 255 -25.84 -32.89 -12.57
N GLN A 256 -25.77 -32.28 -11.39
CA GLN A 256 -26.88 -31.52 -10.83
C GLN A 256 -26.79 -30.04 -11.12
N LYS A 257 -25.96 -29.69 -12.10
CA LYS A 257 -25.69 -28.31 -12.54
C LYS A 257 -25.13 -27.36 -11.47
N LEU A 258 -24.30 -27.90 -10.57
CA LEU A 258 -23.53 -27.05 -9.68
C LEU A 258 -22.12 -26.86 -10.25
N VAL A 259 -21.51 -25.72 -9.97
CA VAL A 259 -20.16 -25.46 -10.47
C VAL A 259 -19.16 -25.52 -9.32
N LYS A 260 -18.17 -26.38 -9.48
CA LYS A 260 -17.10 -26.54 -8.49
C LYS A 260 -15.96 -25.58 -8.78
N GLY A 261 -15.28 -25.11 -7.72
CA GLY A 261 -14.15 -24.22 -7.83
C GLY A 261 -14.59 -22.84 -8.27
N HIS A 262 -15.80 -22.48 -7.82
CA HIS A 262 -16.53 -21.35 -8.34
C HIS A 262 -17.31 -20.74 -7.17
N ALA A 263 -17.27 -19.42 -7.03
CA ALA A 263 -17.95 -18.75 -5.92
C ALA A 263 -19.45 -18.58 -6.18
N TYR A 264 -20.24 -18.96 -5.18
CA TYR A 264 -21.66 -18.70 -5.13
C TYR A 264 -21.93 -17.69 -4.00
N SER A 265 -23.03 -16.95 -4.09
CA SER A 265 -23.51 -16.09 -2.99
C SER A 265 -24.65 -16.79 -2.27
N VAL A 266 -24.67 -16.71 -0.94
CA VAL A 266 -25.82 -17.15 -0.16
C VAL A 266 -26.68 -15.90 0.06
N THR A 267 -27.91 -15.96 -0.46
CA THR A 267 -28.78 -14.79 -0.52
C THR A 267 -30.04 -14.88 0.37
N GLY A 268 -30.23 -16.01 1.03
CA GLY A 268 -31.41 -16.21 1.85
C GLY A 268 -31.41 -17.55 2.57
N ALA A 269 -32.22 -17.62 3.62
CA ALA A 269 -32.40 -18.83 4.41
C ALA A 269 -33.76 -18.78 5.10
N GLU A 270 -34.65 -19.68 4.68
CA GLU A 270 -35.98 -19.79 5.27
C GLU A 270 -36.32 -21.21 5.70
N GLU A 271 -37.11 -21.30 6.76
CA GLU A 271 -37.68 -22.55 7.20
C GLU A 271 -39.12 -22.58 6.70
N VAL A 272 -39.47 -23.64 5.97
CA VAL A 272 -40.82 -23.79 5.43
C VAL A 272 -41.45 -25.11 5.85
N GLU A 273 -42.77 -25.09 6.04
CA GLU A 273 -43.56 -26.29 6.25
C GLU A 273 -44.02 -26.82 4.90
N SER A 274 -43.66 -28.08 4.66
CA SER A 274 -43.88 -28.72 3.39
C SER A 274 -44.58 -30.07 3.63
N SER A 275 -45.85 -30.15 3.25
CA SER A 275 -46.70 -31.32 3.53
C SER A 275 -46.64 -31.75 5.00
N GLY A 276 -46.63 -30.78 5.90
CA GLY A 276 -46.58 -31.07 7.32
C GLY A 276 -45.20 -31.16 7.93
N SER A 277 -44.16 -31.25 7.09
CA SER A 277 -42.80 -31.37 7.58
C SER A 277 -42.00 -30.06 7.44
N LEU A 278 -41.16 -29.79 8.44
CA LEU A 278 -40.26 -28.65 8.45
C LEU A 278 -39.08 -28.85 7.52
N GLN A 279 -38.87 -27.90 6.63
CA GLN A 279 -37.80 -27.98 5.65
C GLN A 279 -36.99 -26.71 5.79
N LYS A 280 -35.69 -26.87 5.99
CA LYS A 280 -34.77 -25.73 6.09
C LYS A 280 -34.19 -25.51 4.71
N LEU A 281 -34.35 -24.29 4.20
CA LEU A 281 -33.98 -24.00 2.83
C LEU A 281 -32.99 -22.85 2.77
N ILE A 282 -32.02 -22.97 1.87
CA ILE A 282 -31.01 -21.93 1.66
C ILE A 282 -31.10 -21.45 0.21
N ARG A 283 -31.01 -20.14 0.00
CA ARG A 283 -31.02 -19.57 -1.33
C ARG A 283 -29.61 -19.20 -1.74
N ILE A 284 -29.23 -19.66 -2.93
CA ILE A 284 -27.88 -19.59 -3.45
C ILE A 284 -27.92 -18.93 -4.83
N ARG A 285 -26.91 -18.11 -5.15
CA ARG A 285 -26.81 -17.54 -6.50
C ARG A 285 -25.49 -17.78 -7.22
N ASN A 286 -25.59 -18.38 -8.40
CA ASN A 286 -24.48 -18.53 -9.35
C ASN A 286 -24.25 -17.17 -10.05
N PRO A 287 -23.07 -16.55 -9.85
CA PRO A 287 -22.78 -15.26 -10.51
C PRO A 287 -22.75 -15.28 -12.04
N TRP A 288 -22.88 -16.45 -12.66
CA TRP A 288 -23.12 -16.55 -14.11
C TRP A 288 -24.46 -15.89 -14.46
N GLY A 289 -25.35 -15.81 -13.47
CA GLY A 289 -26.74 -15.38 -13.71
C GLY A 289 -27.53 -16.38 -14.56
N GLN A 290 -27.04 -17.63 -14.58
CA GLN A 290 -27.62 -18.72 -15.36
C GLN A 290 -27.03 -20.03 -14.86
N VAL A 291 -27.59 -21.15 -15.29
CA VAL A 291 -27.17 -22.49 -14.88
C VAL A 291 -27.43 -22.72 -13.38
N GLU A 292 -28.49 -23.45 -13.08
CA GLU A 292 -28.98 -23.58 -11.71
C GLU A 292 -29.06 -25.04 -11.28
N TRP A 293 -28.87 -25.27 -9.98
CA TRP A 293 -29.28 -26.51 -9.30
C TRP A 293 -30.55 -27.10 -9.90
N THR A 294 -30.52 -28.40 -10.17
CA THR A 294 -31.67 -29.13 -10.71
C THR A 294 -32.19 -30.17 -9.74
N GLY A 295 -31.65 -30.20 -8.52
CA GLY A 295 -32.18 -31.07 -7.47
C GLY A 295 -33.45 -30.51 -6.84
N LYS A 296 -33.80 -31.06 -5.68
CA LYS A 296 -35.01 -30.69 -4.97
C LYS A 296 -35.01 -29.19 -4.68
N TRP A 297 -36.15 -28.54 -4.93
CA TRP A 297 -36.37 -27.10 -4.65
C TRP A 297 -35.87 -26.15 -5.73
N ASN A 298 -35.36 -26.70 -6.84
CA ASN A 298 -35.11 -25.92 -8.06
C ASN A 298 -36.39 -25.20 -8.52
N ASP A 299 -36.25 -24.12 -9.30
CA ASP A 299 -37.39 -23.28 -9.70
C ASP A 299 -38.61 -24.06 -10.21
N ASN A 300 -38.36 -25.26 -10.74
CA ASN A 300 -39.38 -26.06 -11.43
C ASN A 300 -39.78 -27.31 -10.64
N CYS A 301 -39.27 -27.41 -9.42
CA CYS A 301 -39.56 -28.55 -8.55
C CYS A 301 -41.05 -28.62 -8.20
N PRO A 302 -41.66 -29.82 -8.38
CA PRO A 302 -43.05 -30.06 -7.99
C PRO A 302 -43.28 -29.88 -6.49
N SER A 303 -42.21 -29.91 -5.70
CA SER A 303 -42.36 -29.77 -4.25
C SER A 303 -42.61 -28.32 -3.81
N TRP A 304 -42.59 -27.38 -4.75
CA TRP A 304 -43.09 -26.05 -4.43
C TRP A 304 -44.61 -26.00 -4.26
N ASN A 305 -45.33 -26.97 -4.84
CA ASN A 305 -46.80 -27.09 -4.72
C ASN A 305 -47.26 -27.49 -3.33
N THR A 306 -46.27 -27.89 -2.56
CA THR A 306 -46.40 -28.56 -1.28
C THR A 306 -46.31 -27.47 -0.18
N VAL A 307 -45.90 -26.28 -0.61
CA VAL A 307 -45.73 -25.10 0.24
C VAL A 307 -46.92 -24.15 0.06
N ASP A 308 -47.26 -23.41 1.12
CA ASP A 308 -48.31 -22.39 1.07
C ASP A 308 -48.03 -21.48 -0.12
N PRO A 309 -49.07 -21.21 -0.94
CA PRO A 309 -49.03 -20.34 -2.13
C PRO A 309 -48.42 -18.97 -1.91
N GLU A 310 -48.81 -18.26 -0.85
CA GLU A 310 -48.25 -16.93 -0.56
C GLU A 310 -46.80 -16.98 -0.08
N VAL A 311 -46.41 -18.06 0.59
CA VAL A 311 -44.98 -18.30 0.90
C VAL A 311 -44.20 -18.63 -0.38
N ARG A 312 -44.80 -19.45 -1.24
CA ARG A 312 -44.25 -19.76 -2.56
C ARG A 312 -44.03 -18.47 -3.37
N ALA A 313 -45.09 -17.68 -3.52
CA ALA A 313 -45.04 -16.41 -4.25
C ALA A 313 -43.97 -15.43 -3.73
N ASN A 314 -43.74 -15.43 -2.42
CA ASN A 314 -42.73 -14.56 -1.83
C ASN A 314 -41.29 -15.05 -1.93
N LEU A 315 -41.09 -16.35 -2.02
CA LEU A 315 -39.74 -16.92 -1.96
C LEU A 315 -39.18 -17.33 -3.31
N THR A 316 -40.05 -17.68 -4.25
CA THR A 316 -39.61 -18.38 -5.44
C THR A 316 -40.28 -17.92 -6.72
N GLU A 317 -39.51 -17.99 -7.79
CA GLU A 317 -39.91 -17.55 -9.09
C GLU A 317 -39.32 -18.52 -10.09
N ARG A 318 -40.00 -18.73 -11.20
CA ARG A 318 -39.51 -19.58 -12.26
C ARG A 318 -38.66 -18.69 -13.20
N GLN A 319 -37.38 -18.58 -12.91
CA GLN A 319 -36.48 -17.63 -13.59
C GLN A 319 -35.06 -18.15 -13.72
N GLU A 320 -34.56 -18.16 -14.94
CA GLU A 320 -33.14 -18.49 -15.18
C GLU A 320 -32.32 -17.26 -14.81
N ASP A 321 -31.88 -17.21 -13.56
CA ASP A 321 -31.13 -16.05 -13.05
C ASP A 321 -29.92 -16.44 -12.21
N GLY A 322 -29.54 -17.72 -12.21
CA GLY A 322 -28.45 -18.19 -11.36
C GLY A 322 -28.88 -18.54 -9.95
N GLU A 323 -30.01 -17.98 -9.51
CA GLU A 323 -30.50 -18.11 -8.14
C GLU A 323 -31.55 -19.23 -7.93
N PHE A 324 -31.33 -20.05 -6.91
CA PHE A 324 -32.18 -21.19 -6.65
C PHE A 324 -32.21 -21.49 -5.15
N TRP A 325 -33.15 -22.34 -4.73
CA TRP A 325 -33.16 -22.88 -3.39
C TRP A 325 -32.69 -24.33 -3.40
N MET A 326 -32.05 -24.72 -2.32
CA MET A 326 -31.85 -26.13 -2.02
C MET A 326 -32.10 -26.35 -0.53
N SER A 327 -32.41 -27.58 -0.16
CA SER A 327 -32.53 -27.92 1.25
C SER A 327 -31.16 -27.78 1.92
N PHE A 328 -31.18 -27.43 3.20
CA PHE A 328 -29.95 -27.32 3.96
C PHE A 328 -29.11 -28.60 3.97
N SER A 329 -29.75 -29.77 4.03
CA SER A 329 -29.09 -31.07 3.92
C SER A 329 -28.28 -31.22 2.63
N ASP A 330 -28.90 -30.88 1.50
CA ASP A 330 -28.24 -30.90 0.18
C ASP A 330 -27.10 -29.90 0.12
N PHE A 331 -27.30 -28.73 0.71
CA PHE A 331 -26.27 -27.70 0.83
C PHE A 331 -25.05 -28.24 1.55
N LEU A 332 -25.27 -28.85 2.71
CA LEU A 332 -24.18 -29.46 3.50
C LEU A 332 -23.49 -30.63 2.81
N ARG A 333 -24.25 -31.45 2.08
CA ARG A 333 -23.71 -32.61 1.34
C ARG A 333 -22.97 -32.21 0.05
N HIS A 334 -23.26 -31.02 -0.48
CA HIS A 334 -22.68 -30.59 -1.75
C HIS A 334 -21.59 -29.53 -1.65
N TYR A 335 -21.75 -28.58 -0.73
CA TYR A 335 -20.76 -27.52 -0.60
C TYR A 335 -19.69 -27.84 0.45
N SER A 336 -18.52 -27.23 0.28
CA SER A 336 -17.38 -27.47 1.17
C SER A 336 -17.19 -26.40 2.23
N ARG A 337 -17.50 -25.15 1.88
CA ARG A 337 -17.11 -24.00 2.70
C ARG A 337 -18.17 -22.93 2.67
N LEU A 338 -18.37 -22.32 3.83
CA LEU A 338 -19.17 -21.11 3.94
C LEU A 338 -18.23 -19.98 4.38
N GLU A 339 -18.07 -18.97 3.52
CA GLU A 339 -17.29 -17.79 3.85
C GLU A 339 -18.22 -16.68 4.31
N ILE A 340 -17.99 -16.14 5.50
CA ILE A 340 -18.85 -15.06 6.02
C ILE A 340 -18.01 -13.87 6.43
N CYS A 341 -18.46 -12.68 6.01
CA CYS A 341 -17.81 -11.44 6.35
C CYS A 341 -18.77 -10.63 7.19
N ASN A 342 -18.47 -10.55 8.49
CA ASN A 342 -19.27 -9.79 9.43
C ASN A 342 -18.78 -8.34 9.50
N LEU A 343 -19.68 -7.43 9.81
CA LEU A 343 -19.35 -6.01 9.90
C LEU A 343 -18.76 -5.63 11.26
N THR A 344 -18.80 -6.55 12.22
CA THR A 344 -18.07 -6.39 13.50
C THR A 344 -17.14 -7.60 13.72
N PRO A 345 -16.17 -7.48 14.66
CA PRO A 345 -15.30 -8.61 15.05
C PRO A 345 -15.97 -9.66 15.92
N ASP A 346 -17.25 -9.45 16.26
CA ASP A 346 -18.04 -10.36 17.08
C ASP A 346 -18.39 -11.62 16.30
N THR A 347 -18.14 -12.77 16.91
CA THR A 347 -18.50 -14.05 16.32
C THR A 347 -20.03 -14.16 16.30
N LEU A 348 -20.56 -14.77 15.24
CA LEU A 348 -21.99 -14.95 15.08
C LEU A 348 -22.59 -15.91 16.11
N THR A 349 -21.75 -16.80 16.64
CA THR A 349 -22.15 -17.78 17.66
C THR A 349 -22.25 -17.17 19.07
N CYS A 350 -21.97 -15.88 19.18
CA CYS A 350 -22.10 -15.18 20.46
C CYS A 350 -23.42 -14.41 20.53
N ASP A 351 -24.03 -14.40 21.71
CA ASP A 351 -25.35 -13.80 21.90
C ASP A 351 -25.32 -12.31 22.32
N SER A 352 -24.15 -11.70 22.36
CA SER A 352 -24.06 -10.26 22.63
C SER A 352 -22.93 -9.58 21.86
N TYR A 353 -23.02 -8.26 21.76
CA TYR A 353 -22.01 -7.44 21.14
C TYR A 353 -21.00 -6.98 22.19
N LYS A 354 -19.75 -6.89 21.76
CA LYS A 354 -18.66 -6.53 22.64
C LYS A 354 -18.12 -5.20 22.17
N LYS A 355 -17.31 -4.55 23.01
CA LYS A 355 -16.55 -3.39 22.60
C LYS A 355 -15.20 -3.84 22.04
N TRP A 356 -14.77 -3.19 20.96
CA TRP A 356 -13.55 -3.59 20.24
C TRP A 356 -12.60 -2.43 19.97
N LYS A 357 -11.32 -2.73 20.00
CA LYS A 357 -10.28 -1.79 19.59
C LYS A 357 -9.49 -2.38 18.41
N LEU A 358 -9.42 -1.65 17.31
CA LEU A 358 -8.54 -2.01 16.20
C LEU A 358 -7.16 -1.37 16.35
N THR A 359 -6.13 -2.21 16.34
CA THR A 359 -4.75 -1.76 16.14
C THR A 359 -4.30 -2.24 14.75
N LYS A 360 -3.97 -1.28 13.90
CA LYS A 360 -3.44 -1.56 12.57
C LYS A 360 -1.93 -1.38 12.60
N MET A 361 -1.21 -2.40 12.10
CA MET A 361 0.24 -2.34 11.91
C MET A 361 0.50 -2.68 10.47
N ASP A 362 1.63 -2.26 9.93
CA ASP A 362 2.00 -2.74 8.62
C ASP A 362 3.45 -3.15 8.61
N GLY A 363 3.85 -3.89 7.59
CA GLY A 363 5.23 -4.29 7.50
C GLY A 363 5.61 -4.72 6.12
N ASN A 364 6.83 -5.21 6.03
CA ASN A 364 7.40 -5.65 4.77
C ASN A 364 8.38 -6.77 5.04
N TRP A 365 8.27 -7.83 4.27
CA TRP A 365 9.31 -8.84 4.23
C TRP A 365 10.16 -8.55 3.01
N ARG A 366 11.46 -8.39 3.20
CA ARG A 366 12.34 -8.16 2.06
C ARG A 366 13.56 -9.06 2.14
N ARG A 367 13.75 -9.79 1.05
CA ARG A 367 14.93 -10.60 0.83
C ARG A 367 16.23 -9.85 1.19
N GLY A 368 17.07 -10.51 1.98
CA GLY A 368 18.33 -9.94 2.46
C GLY A 368 18.23 -9.37 3.87
N SER A 369 16.99 -9.14 4.34
CA SER A 369 16.75 -8.56 5.66
C SER A 369 15.57 -9.17 6.43
N THR A 370 14.35 -8.73 6.17
CA THR A 370 13.20 -9.11 6.99
C THR A 370 12.43 -10.35 6.51
N ALA A 371 12.86 -10.94 5.40
CA ALA A 371 12.14 -12.09 4.82
C ALA A 371 12.58 -13.43 5.43
N GLY A 372 12.25 -13.65 6.69
CA GLY A 372 12.78 -14.78 7.45
C GLY A 372 12.18 -16.16 7.24
N GLY A 373 10.98 -16.23 6.68
CA GLY A 373 10.26 -17.50 6.60
C GLY A 373 9.77 -17.92 7.96
N CYS A 374 9.10 -19.05 8.03
CA CYS A 374 8.50 -19.51 9.27
C CYS A 374 9.49 -20.24 10.18
N ARG A 375 8.98 -20.74 11.31
CA ARG A 375 9.75 -21.35 12.38
C ARG A 375 10.51 -22.61 11.94
N ASN A 376 10.14 -23.21 10.81
CA ASN A 376 10.93 -24.29 10.20
C ASN A 376 12.33 -23.80 9.79
N TYR A 377 12.48 -22.49 9.66
CA TYR A 377 13.75 -21.90 9.24
C TYR A 377 14.34 -21.02 10.33
N PRO A 378 14.77 -21.64 11.45
CA PRO A 378 15.21 -20.92 12.65
C PRO A 378 16.43 -19.99 12.46
N ASN A 379 17.23 -20.24 11.42
CA ASN A 379 18.38 -19.37 11.12
C ASN A 379 17.99 -17.97 10.67
N THR A 380 16.78 -17.84 10.12
CA THR A 380 16.30 -16.57 9.57
C THR A 380 14.96 -16.14 10.15
N PHE A 381 14.19 -17.08 10.68
CA PHE A 381 12.92 -16.81 11.35
C PHE A 381 12.99 -15.59 12.29
N TRP A 382 14.10 -15.44 13.01
CA TRP A 382 14.28 -14.37 13.99
C TRP A 382 14.48 -12.98 13.34
N MET A 383 14.65 -12.99 12.01
CA MET A 383 14.83 -11.76 11.25
CA MET A 383 14.82 -11.74 11.26
C MET A 383 13.48 -11.13 10.83
N ASN A 384 12.40 -11.89 10.93
CA ASN A 384 11.06 -11.33 10.65
C ASN A 384 10.75 -10.14 11.54
N PRO A 385 9.91 -9.22 11.03
CA PRO A 385 9.38 -8.17 11.92
C PRO A 385 8.64 -8.75 13.13
N GLN A 386 8.75 -8.07 14.27
CA GLN A 386 8.01 -8.46 15.47
C GLN A 386 7.10 -7.32 15.95
N TYR A 387 5.96 -7.68 16.52
CA TYR A 387 4.89 -6.74 16.89
C TYR A 387 4.40 -7.06 18.28
N LEU A 388 4.22 -6.04 19.09
CA LEU A 388 3.73 -6.19 20.44
C LEU A 388 2.22 -6.29 20.44
N ILE A 389 1.69 -7.27 21.18
CA ILE A 389 0.26 -7.35 21.49
C ILE A 389 0.15 -7.29 23.01
N LYS A 390 -0.42 -6.21 23.52
CA LYS A 390 -0.63 -6.08 24.95
C LYS A 390 -2.09 -6.35 25.32
N LEU A 391 -2.28 -7.38 26.13
CA LEU A 391 -3.59 -7.80 26.60
C LEU A 391 -3.79 -7.34 28.04
N GLU A 392 -4.89 -6.62 28.30
CA GLU A 392 -5.14 -5.95 29.58
C GLU A 392 -6.04 -6.74 30.52
N GLU A 393 -5.63 -6.82 31.79
CA GLU A 393 -6.44 -7.40 32.89
C GLU A 393 -7.90 -6.94 32.86
N GLU A 394 -8.09 -5.64 32.65
CA GLU A 394 -9.39 -5.01 32.68
C GLU A 394 -10.34 -5.50 31.57
N ASP A 395 -9.76 -5.93 30.45
CA ASP A 395 -10.52 -6.37 29.27
C ASP A 395 -10.97 -7.82 29.35
N GLU A 396 -10.75 -8.45 30.51
CA GLU A 396 -11.02 -9.86 30.75
C GLU A 396 -12.48 -10.23 30.48
N ASP A 397 -12.71 -11.32 29.76
CA ASP A 397 -14.08 -11.88 29.65
C ASP A 397 -14.09 -13.37 29.95
N ASP A 398 -15.27 -13.91 30.22
CA ASP A 398 -15.38 -15.36 30.41
C ASP A 398 -16.44 -16.07 29.56
N GLU A 399 -16.55 -15.71 28.29
CA GLU A 399 -17.36 -16.45 27.32
C GLU A 399 -16.80 -17.87 27.21
N ASP A 400 -17.64 -18.82 26.84
CA ASP A 400 -17.30 -20.27 26.82
C ASP A 400 -16.86 -20.79 28.19
N GLY A 401 -16.86 -19.92 29.20
CA GLY A 401 -16.40 -20.26 30.54
C GLY A 401 -14.88 -20.32 30.70
N GLU A 402 -14.16 -19.71 29.77
CA GLU A 402 -12.72 -19.54 29.87
C GLU A 402 -12.43 -18.08 30.17
N ARG A 403 -11.56 -17.84 31.15
CA ARG A 403 -11.22 -16.48 31.54
C ARG A 403 -9.93 -16.03 30.88
N GLY A 404 -10.00 -14.92 30.15
CA GLY A 404 -8.85 -14.35 29.49
C GLY A 404 -9.25 -13.19 28.60
N CYS A 405 -8.27 -12.65 27.89
CA CYS A 405 -8.45 -11.55 26.96
C CYS A 405 -8.69 -12.04 25.53
N THR A 406 -9.84 -11.69 24.97
CA THR A 406 -10.19 -12.03 23.60
C THR A 406 -9.59 -11.03 22.61
N PHE A 407 -8.96 -11.56 21.57
CA PHE A 407 -8.47 -10.73 20.48
C PHE A 407 -8.46 -11.51 19.16
N LEU A 408 -8.48 -10.77 18.05
CA LEU A 408 -8.37 -11.36 16.72
C LEU A 408 -7.13 -10.79 16.06
N VAL A 409 -6.39 -11.65 15.36
CA VAL A 409 -5.26 -11.22 14.54
C VAL A 409 -5.52 -11.63 13.10
N GLY A 410 -5.55 -10.64 12.20
CA GLY A 410 -5.68 -10.89 10.78
C GLY A 410 -4.48 -10.41 10.01
N LEU A 411 -3.67 -11.34 9.50
CA LEU A 411 -2.50 -10.99 8.72
C LEU A 411 -2.87 -10.98 7.25
N ILE A 412 -2.80 -9.81 6.62
CA ILE A 412 -3.17 -9.71 5.21
C ILE A 412 -1.98 -9.27 4.32
N GLN A 413 -1.68 -10.09 3.31
CA GLN A 413 -0.64 -9.78 2.34
C GLN A 413 -1.17 -8.87 1.23
N LYS A 414 -0.36 -7.92 0.78
CA LYS A 414 -0.85 -6.80 -0.01
C LYS A 414 -0.35 -6.77 -1.44
N HIS A 415 -1.24 -6.36 -2.36
CA HIS A 415 -0.89 -6.07 -3.77
C HIS A 415 -0.30 -7.25 -4.51
N ARG A 416 -0.79 -8.42 -4.17
CA ARG A 416 -0.21 -9.66 -4.66
C ARG A 416 -0.65 -10.01 -6.07
N ARG A 417 -1.79 -9.48 -6.49
CA ARG A 417 -2.29 -9.69 -7.85
C ARG A 417 -1.49 -8.94 -8.91
N ARG A 418 -0.89 -7.81 -8.55
CA ARG A 418 -0.05 -7.06 -9.49
C ARG A 418 1.20 -7.86 -9.86
N GLN A 419 1.52 -8.85 -9.02
CA GLN A 419 2.69 -9.71 -9.20
C GLN A 419 2.44 -10.88 -10.16
N ARG A 420 1.18 -11.05 -10.55
CA ARG A 420 0.79 -12.12 -11.47
C ARG A 420 1.57 -12.08 -12.78
N LYS A 421 1.88 -10.87 -13.25
CA LYS A 421 2.69 -10.66 -14.45
C LYS A 421 4.05 -11.34 -14.32
N MET A 422 4.60 -11.30 -13.11
CA MET A 422 5.88 -11.93 -12.75
C MET A 422 5.77 -13.44 -12.56
N GLY A 423 4.56 -13.99 -12.72
CA GLY A 423 4.29 -15.38 -12.36
C GLY A 423 4.31 -15.61 -10.86
N GLU A 424 4.13 -14.54 -10.08
CA GLU A 424 4.07 -14.60 -8.62
C GLU A 424 2.61 -14.48 -8.16
N ASP A 425 2.23 -15.28 -7.18
CA ASP A 425 0.87 -15.23 -6.60
C ASP A 425 0.93 -14.89 -5.10
N MET A 426 -0.11 -15.29 -4.36
CA MET A 426 -0.14 -15.16 -2.90
C MET A 426 0.95 -16.03 -2.28
N HIS A 427 1.64 -15.48 -1.28
CA HIS A 427 2.55 -16.29 -0.50
C HIS A 427 1.76 -17.15 0.49
N THR A 428 2.37 -18.26 0.89
CA THR A 428 1.91 -19.06 2.02
C THR A 428 2.29 -18.30 3.29
N ILE A 429 1.29 -17.80 4.00
CA ILE A 429 1.52 -16.93 5.16
C ILE A 429 0.89 -17.48 6.45
N GLY A 430 1.32 -16.92 7.56
CA GLY A 430 0.86 -17.30 8.88
C GLY A 430 1.64 -16.50 9.89
N PHE A 431 1.46 -16.83 11.17
CA PHE A 431 2.08 -16.08 12.25
C PHE A 431 2.10 -16.90 13.53
N GLY A 432 3.04 -16.57 14.42
CA GLY A 432 3.10 -17.17 15.74
C GLY A 432 3.02 -16.09 16.81
N ILE A 433 2.52 -16.45 17.99
CA ILE A 433 2.44 -15.54 19.14
C ILE A 433 3.25 -16.09 20.32
N TYR A 434 4.11 -15.25 20.89
CA TYR A 434 5.02 -15.63 21.97
C TYR A 434 4.83 -14.74 23.20
N GLU A 435 4.95 -15.33 24.39
CA GLU A 435 5.01 -14.56 25.62
C GLU A 435 6.37 -13.88 25.74
N VAL A 436 6.37 -12.62 26.21
CA VAL A 436 7.65 -11.98 26.53
C VAL A 436 8.02 -12.30 27.98
N PRO A 437 9.27 -12.79 28.19
CA PRO A 437 9.88 -12.96 29.51
C PRO A 437 9.59 -11.82 30.49
N GLU A 438 9.40 -12.15 31.76
CA GLU A 438 9.04 -11.18 32.81
C GLU A 438 10.01 -10.01 32.97
N GLU A 439 11.30 -10.28 32.83
CA GLU A 439 12.33 -9.26 32.98
C GLU A 439 12.33 -8.24 31.82
N LEU A 440 11.78 -8.66 30.68
CA LEU A 440 11.66 -7.84 29.48
C LEU A 440 10.37 -7.02 29.42
N THR A 441 9.42 -7.35 30.30
CA THR A 441 8.06 -6.75 30.35
C THR A 441 8.03 -5.22 30.49
N GLY A 442 7.04 -4.58 29.86
CA GLY A 442 6.86 -3.13 29.92
C GLY A 442 8.06 -2.35 29.41
N GLN A 443 8.62 -2.81 28.30
CA GLN A 443 9.87 -2.27 27.74
C GLN A 443 9.86 -2.54 26.23
N THR A 444 9.27 -1.63 25.45
CA THR A 444 9.19 -1.79 23.99
C THR A 444 10.56 -1.47 23.36
N ASN A 445 10.73 -1.84 22.08
CA ASN A 445 12.02 -1.81 21.36
C ASN A 445 12.74 -3.16 21.38
N ILE A 446 12.31 -4.05 22.27
CA ILE A 446 12.85 -5.40 22.38
C ILE A 446 12.67 -6.18 21.09
N HIS A 447 13.64 -7.02 20.78
CA HIS A 447 13.53 -7.99 19.70
C HIS A 447 13.87 -9.35 20.30
N LEU A 448 13.02 -10.34 20.11
CA LEU A 448 13.33 -11.69 20.59
C LEU A 448 14.36 -12.38 19.70
N SER A 449 15.41 -12.88 20.31
CA SER A 449 16.57 -13.41 19.60
C SER A 449 16.32 -14.77 18.98
N LYS A 450 17.27 -15.20 18.16
CA LYS A 450 17.31 -16.56 17.62
C LYS A 450 17.25 -17.62 18.72
N ASN A 451 18.10 -17.49 19.74
CA ASN A 451 18.17 -18.48 20.83
C ASN A 451 16.91 -18.55 21.67
N PHE A 452 16.21 -17.43 21.77
CA PHE A 452 14.89 -17.41 22.36
C PHE A 452 13.96 -18.34 21.57
N PHE A 453 13.94 -18.23 20.24
CA PHE A 453 13.05 -19.08 19.43
C PHE A 453 13.51 -20.55 19.46
N LEU A 454 14.82 -20.75 19.55
CA LEU A 454 15.40 -22.09 19.61
C LEU A 454 15.02 -22.85 20.89
N THR A 455 14.65 -22.11 21.95
CA THR A 455 14.42 -22.69 23.29
C THR A 455 13.01 -22.51 23.83
N THR A 456 12.16 -21.80 23.10
CA THR A 456 10.78 -21.56 23.54
C THR A 456 9.78 -21.62 22.40
N ARG A 457 8.68 -22.34 22.67
CA ARG A 457 7.60 -22.55 21.72
C ARG A 457 6.63 -21.37 21.73
N ALA A 458 5.89 -21.22 20.63
CA ALA A 458 4.84 -20.21 20.52
C ALA A 458 3.70 -20.55 21.47
N ARG A 459 3.16 -19.53 22.13
CA ARG A 459 2.03 -19.73 23.02
C ARG A 459 0.77 -19.97 22.18
N GLU A 460 0.66 -19.24 21.07
CA GLU A 460 -0.36 -19.45 20.06
C GLU A 460 0.23 -19.34 18.67
N ARG A 461 -0.47 -19.90 17.69
CA ARG A 461 -0.15 -19.71 16.27
C ARG A 461 -1.44 -19.57 15.48
N SER A 462 -1.32 -19.16 14.21
CA SER A 462 -2.41 -19.19 13.26
C SER A 462 -2.79 -20.65 13.03
N ASP A 463 -4.08 -20.89 12.76
CA ASP A 463 -4.61 -22.26 12.61
C ASP A 463 -3.82 -23.03 11.56
N THR A 464 -3.33 -22.30 10.56
CA THR A 464 -2.41 -22.86 9.58
C THR A 464 -1.55 -21.80 8.89
N PHE A 465 -0.63 -22.26 8.06
CA PHE A 465 0.09 -21.39 7.12
C PHE A 465 -0.45 -21.75 5.75
N ILE A 466 -0.91 -20.75 5.02
CA ILE A 466 -1.68 -20.99 3.79
C ILE A 466 -1.57 -19.81 2.83
N ASN A 467 -1.71 -20.08 1.54
CA ASN A 467 -1.61 -19.04 0.53
C ASN A 467 -2.95 -18.33 0.29
N LEU A 468 -3.49 -17.75 1.37
CA LEU A 468 -4.68 -16.92 1.33
C LEU A 468 -4.20 -15.49 1.43
N ARG A 469 -4.93 -14.54 0.87
CA ARG A 469 -4.57 -13.14 1.05
C ARG A 469 -4.53 -12.80 2.55
N GLU A 470 -5.49 -13.32 3.30
CA GLU A 470 -5.57 -13.07 4.74
C GLU A 470 -5.68 -14.34 5.59
N VAL A 471 -4.92 -14.40 6.67
CA VAL A 471 -5.12 -15.42 7.67
C VAL A 471 -5.62 -14.71 8.94
N LEU A 472 -6.87 -14.97 9.30
CA LEU A 472 -7.53 -14.32 10.43
C LEU A 472 -7.91 -15.38 11.45
N ASN A 473 -7.51 -15.19 12.69
CA ASN A 473 -7.84 -16.12 13.75
C ASN A 473 -8.36 -15.40 15.00
N ARG A 474 -9.18 -16.12 15.76
CA ARG A 474 -9.72 -15.64 17.03
C ARG A 474 -9.00 -16.38 18.15
N PHE A 475 -8.60 -15.63 19.17
CA PHE A 475 -7.78 -16.12 20.26
C PHE A 475 -8.28 -15.61 21.61
N LYS A 476 -7.90 -16.32 22.67
CA LYS A 476 -8.05 -15.88 24.04
C LYS A 476 -6.79 -16.30 24.79
N LEU A 477 -6.12 -15.34 25.41
CA LEU A 477 -4.91 -15.58 26.18
C LEU A 477 -4.96 -14.79 27.50
N PRO A 478 -4.16 -15.18 28.52
CA PRO A 478 -4.13 -14.38 29.74
C PRO A 478 -3.55 -12.97 29.51
N PRO A 479 -3.96 -11.98 30.33
CA PRO A 479 -3.41 -10.62 30.27
C PRO A 479 -1.87 -10.62 30.26
N GLY A 480 -1.28 -9.65 29.58
CA GLY A 480 0.17 -9.58 29.42
C GLY A 480 0.61 -9.05 28.08
N GLU A 481 1.90 -9.21 27.80
CA GLU A 481 2.52 -8.69 26.59
C GLU A 481 2.96 -9.87 25.76
N TYR A 482 2.59 -9.83 24.48
CA TYR A 482 2.94 -10.91 23.58
C TYR A 482 3.62 -10.35 22.36
N VAL A 483 4.44 -11.17 21.70
CA VAL A 483 5.05 -10.77 20.45
C VAL A 483 4.47 -11.59 19.30
N LEU A 484 3.91 -10.91 18.32
CA LEU A 484 3.42 -11.53 17.09
C LEU A 484 4.53 -11.56 16.03
N VAL A 485 4.80 -12.74 15.48
CA VAL A 485 5.78 -12.87 14.41
C VAL A 485 5.07 -13.29 13.13
N PRO A 486 4.80 -12.32 12.21
CA PRO A 486 4.20 -12.66 10.94
C PRO A 486 5.27 -13.12 9.94
N SER A 487 4.99 -14.17 9.17
CA SER A 487 5.95 -14.63 8.18
C SER A 487 5.29 -15.25 6.96
N THR A 488 6.06 -15.37 5.90
CA THR A 488 5.75 -16.30 4.83
C THR A 488 6.28 -17.65 5.30
N PHE A 489 5.93 -18.72 4.59
CA PHE A 489 6.40 -20.06 4.96
C PHE A 489 7.89 -20.21 4.66
N GLU A 490 8.26 -20.01 3.40
CA GLU A 490 9.67 -20.08 2.98
C GLU A 490 10.37 -18.76 3.24
N PRO A 491 11.70 -18.81 3.47
CA PRO A 491 12.40 -17.53 3.60
C PRO A 491 12.63 -16.87 2.24
N HIS A 492 13.12 -15.63 2.29
CA HIS A 492 13.51 -14.86 1.10
C HIS A 492 12.35 -14.49 0.15
N LYS A 493 11.11 -14.48 0.66
CA LYS A 493 9.97 -13.99 -0.11
C LYS A 493 9.72 -12.50 0.17
N ASN A 494 9.56 -11.72 -0.91
CA ASN A 494 9.28 -10.29 -0.80
C ASN A 494 7.80 -10.04 -0.76
N GLY A 495 7.36 -9.19 0.16
CA GLY A 495 5.99 -8.76 0.19
C GLY A 495 5.64 -7.77 1.29
N ASP A 496 4.60 -6.99 1.02
CA ASP A 496 4.04 -6.07 1.97
C ASP A 496 2.86 -6.76 2.66
N PHE A 497 2.68 -6.42 3.92
CA PHE A 497 1.55 -6.93 4.66
C PHE A 497 1.04 -5.88 5.63
N CYS A 498 -0.17 -6.09 6.13
CA CYS A 498 -0.61 -5.36 7.28
C CYS A 498 -1.36 -6.28 8.24
N ILE A 499 -1.37 -5.89 9.50
CA ILE A 499 -2.00 -6.66 10.55
C ILE A 499 -3.09 -5.83 11.21
N ARG A 500 -4.25 -6.45 11.33
CA ARG A 500 -5.34 -5.93 12.14
C ARG A 500 -5.36 -6.74 13.44
N VAL A 501 -5.32 -6.03 14.56
CA VAL A 501 -5.54 -6.66 15.85
C VAL A 501 -6.79 -6.03 16.45
N PHE A 502 -7.81 -6.85 16.67
CA PHE A 502 -9.03 -6.46 17.34
C PHE A 502 -8.99 -7.04 18.73
N SER A 503 -8.91 -6.18 19.73
CA SER A 503 -8.99 -6.63 21.13
C SER A 503 -10.32 -6.25 21.71
N GLU A 504 -10.91 -7.17 22.45
CA GLU A 504 -12.13 -6.91 23.21
C GLU A 504 -11.83 -5.98 24.38
N LYS A 505 -12.72 -5.01 24.60
CA LYS A 505 -12.47 -3.97 25.61
C LYS A 505 -13.59 -3.91 26.64
N LYS A 506 -13.27 -3.39 27.82
CA LYS A 506 -14.21 -3.31 28.93
C LYS A 506 -15.24 -2.18 28.83
N ALA A 507 -14.77 -0.94 28.70
CA ALA A 507 -15.63 0.25 28.77
C ALA A 507 -14.91 1.56 28.43
N ASP A 508 -13.86 1.48 27.60
CA ASP A 508 -13.18 2.69 27.10
C ASP A 508 -14.00 3.35 25.98
N TYR A 509 -13.58 4.55 25.56
CA TYR A 509 -14.20 5.24 24.44
C TYR A 509 -13.18 5.72 23.41
N VAL A 512 -6.03 3.77 22.88
CA VAL A 512 -4.66 4.14 23.23
C VAL A 512 -4.12 5.24 22.31
N ASP A 513 -4.25 5.06 21.00
CA ASP A 513 -3.68 5.98 20.01
C ASP A 513 -4.60 6.28 18.84
N ASP A 514 -4.51 7.50 18.34
CA ASP A 514 -5.22 7.96 17.14
C ASP A 514 -4.54 9.23 16.59
N GLU A 515 -3.63 9.79 17.38
CA GLU A 515 -2.96 11.05 17.05
C GLU A 515 -1.52 10.88 16.54
N ILE A 516 -1.02 11.93 15.90
CA ILE A 516 0.34 11.99 15.36
C ILE A 516 1.16 12.86 16.29
N GLU A 517 2.18 12.27 16.90
CA GLU A 517 2.99 12.97 17.89
C GLU A 517 4.49 12.85 17.68
N ALA A 518 5.19 13.94 17.98
CA ALA A 518 6.62 13.94 18.10
C ALA A 518 6.94 14.24 19.56
N ASN A 519 7.09 13.17 20.35
CA ASN A 519 7.46 13.27 21.75
C ASN A 519 8.97 13.12 21.88
N ILE A 520 9.70 14.04 21.26
CA ILE A 520 11.14 13.91 21.22
C ILE A 520 11.83 14.56 22.43
N GLU A 521 13.01 14.04 22.75
CA GLU A 521 13.79 14.48 23.88
C GLU A 521 14.57 15.74 23.50
N GLU A 522 14.19 16.86 24.10
CA GLU A 522 14.80 18.14 23.80
C GLU A 522 16.11 18.28 24.58
N ILE A 523 16.97 19.21 24.19
CA ILE A 523 18.34 19.26 24.69
C ILE A 523 18.70 20.53 25.51
N GLU A 524 19.57 20.34 26.53
CA GLU A 524 20.31 21.37 27.31
C GLU A 524 21.39 22.04 26.52
N ALA A 525 21.15 23.17 26.00
CA ALA A 525 22.28 23.83 25.34
C ALA A 525 22.47 25.25 25.83
N ASN A 526 22.42 25.42 27.14
CA ASN A 526 22.85 26.65 27.76
C ASN A 526 24.34 26.61 28.02
N GLU A 527 24.93 27.79 28.14
CA GLU A 527 26.37 27.94 28.38
C GLU A 527 26.85 27.19 29.63
N GLU A 528 26.01 27.17 30.66
CA GLU A 528 26.26 26.45 31.92
C GLU A 528 26.45 24.94 31.75
N ASP A 529 25.79 24.38 30.73
CA ASP A 529 25.83 22.95 30.49
C ASP A 529 27.08 22.47 29.75
N ILE A 530 27.79 23.40 29.11
CA ILE A 530 28.90 23.05 28.23
C ILE A 530 30.23 23.39 28.90
N GLY A 531 31.04 22.35 29.12
CA GLY A 531 32.25 22.47 29.90
C GLY A 531 33.49 22.68 29.07
N ASP A 532 34.61 22.85 29.77
CA ASP A 532 35.91 23.12 29.18
C ASP A 532 36.35 22.06 28.18
N GLY A 533 36.09 20.81 28.52
CA GLY A 533 36.44 19.67 27.68
C GLY A 533 35.83 19.74 26.29
N PHE A 534 34.52 19.98 26.22
CA PHE A 534 33.82 20.16 24.94
C PHE A 534 34.23 21.46 24.22
N ARG A 535 34.41 22.53 24.98
CA ARG A 535 34.88 23.80 24.42
C ARG A 535 36.24 23.67 23.71
N ARG A 536 37.20 22.99 24.34
CA ARG A 536 38.50 22.70 23.74
C ARG A 536 38.31 21.91 22.46
N LEU A 537 37.49 20.87 22.54
CA LEU A 537 37.23 20.01 21.39
C LEU A 537 36.64 20.82 20.22
N PHE A 538 35.58 21.57 20.48
CA PHE A 538 34.97 22.44 19.48
C PHE A 538 35.98 23.40 18.82
N ALA A 539 36.78 24.11 19.62
CA ALA A 539 37.72 25.12 19.12
C ALA A 539 38.72 24.50 18.16
N GLN A 540 39.12 23.27 18.48
CA GLN A 540 40.01 22.44 17.68
C GLN A 540 39.36 22.02 16.36
N LEU A 541 38.04 21.80 16.36
CA LEU A 541 37.30 21.39 15.14
C LEU A 541 36.83 22.57 14.29
N ALA A 542 36.51 23.69 14.94
CA ALA A 542 36.09 24.90 14.25
C ALA A 542 37.19 25.58 13.41
N GLY A 543 38.43 25.57 13.89
CA GLY A 543 39.53 26.21 13.14
C GLY A 543 39.46 27.73 13.13
N GLU A 544 40.05 28.33 12.09
CA GLU A 544 40.34 29.77 12.04
C GLU A 544 39.16 30.72 12.35
N ASP A 545 37.95 30.35 11.93
CA ASP A 545 36.82 31.26 12.09
C ASP A 545 35.93 30.98 13.32
N ALA A 546 36.37 30.04 14.17
CA ALA A 546 35.66 29.68 15.42
C ALA A 546 34.24 29.12 15.21
N GLU A 547 33.97 28.62 14.00
CA GLU A 547 32.67 28.06 13.65
C GLU A 547 32.83 26.83 12.77
N ILE A 548 31.92 25.88 12.90
CA ILE A 548 31.95 24.67 12.07
C ILE A 548 30.97 24.78 10.89
N SER A 549 31.52 24.75 9.67
CA SER A 549 30.71 24.76 8.45
C SER A 549 30.25 23.35 8.12
N ALA A 550 29.35 23.24 7.15
CA ALA A 550 28.91 21.95 6.61
C ALA A 550 30.08 21.12 6.04
N PHE A 551 31.01 21.77 5.35
CA PHE A 551 32.19 21.09 4.81
C PHE A 551 33.01 20.51 5.94
N GLU A 552 33.31 21.34 6.94
CA GLU A 552 33.99 20.89 8.16
C GLU A 552 33.23 19.74 8.84
N LEU A 553 31.91 19.88 8.95
CA LEU A 553 31.05 18.84 9.54
C LEU A 553 31.10 17.51 8.79
N GLN A 554 31.06 17.58 7.46
CA GLN A 554 31.18 16.39 6.64
C GLN A 554 32.51 15.67 6.89
N THR A 555 33.59 16.45 7.01
CA THR A 555 34.92 15.92 7.25
C THR A 555 34.94 15.24 8.61
N ILE A 556 34.38 15.91 9.62
CA ILE A 556 34.27 15.38 10.97
C ILE A 556 33.52 14.05 10.96
N LEU A 557 32.34 14.02 10.35
CA LEU A 557 31.51 12.82 10.32
C LEU A 557 32.12 11.66 9.49
N ARG A 558 32.68 11.98 8.34
CA ARG A 558 33.48 11.03 7.56
C ARG A 558 34.56 10.38 8.44
N ARG A 559 35.21 11.21 9.25
CA ARG A 559 36.38 10.81 10.03
C ARG A 559 36.03 9.93 11.24
N VAL A 560 34.98 10.30 11.97
CA VAL A 560 34.54 9.53 13.12
C VAL A 560 33.89 8.18 12.73
N LEU A 561 33.08 8.18 11.67
CA LEU A 561 32.49 6.95 11.11
C LEU A 561 33.53 5.98 10.54
N ALA A 562 34.64 6.51 10.02
CA ALA A 562 35.76 5.70 9.58
C ALA A 562 36.35 4.86 10.71
N LYS A 563 36.18 5.33 11.95
CA LYS A 563 36.73 4.64 13.14
C LYS A 563 35.82 3.53 13.64
N ARG A 564 34.59 3.49 13.13
CA ARG A 564 33.55 2.60 13.65
C ARG A 564 32.98 1.66 12.59
N GLU A 565 33.16 0.37 12.83
CA GLU A 565 32.65 -0.67 11.94
C GLU A 565 31.14 -0.85 12.09
N ASP A 566 30.64 -0.57 13.29
CA ASP A 566 29.23 -0.85 13.64
C ASP A 566 28.22 0.15 13.06
N ILE A 567 28.71 1.22 12.45
CA ILE A 567 27.85 2.24 11.85
C ILE A 567 28.16 2.39 10.36
N LYS A 568 27.38 1.69 9.52
CA LYS A 568 27.58 1.75 8.07
C LYS A 568 26.91 2.95 7.43
N SER A 569 27.63 3.60 6.53
CA SER A 569 27.16 4.74 5.77
C SER A 569 28.00 4.86 4.51
N ASP A 570 27.37 5.29 3.42
CA ASP A 570 28.04 5.46 2.16
C ASP A 570 28.67 6.86 2.12
N GLY A 571 29.67 7.08 2.97
CA GLY A 571 30.14 8.42 3.28
C GLY A 571 29.00 9.24 3.86
N PHE A 572 29.29 10.48 4.25
CA PHE A 572 28.28 11.40 4.74
C PHE A 572 28.15 12.61 3.82
N SER A 573 27.00 12.76 3.19
CA SER A 573 26.82 13.76 2.13
C SER A 573 26.84 15.19 2.64
N ILE A 574 27.30 16.11 1.78
CA ILE A 574 27.36 17.53 2.12
C ILE A 574 25.96 18.13 2.26
N GLU A 575 25.02 17.64 1.46
CA GLU A 575 23.62 18.05 1.52
C GLU A 575 22.94 17.64 2.83
N THR A 576 23.34 16.50 3.39
CA THR A 576 22.86 16.10 4.73
C THR A 576 23.39 17.05 5.80
N CYS A 577 24.66 17.45 5.66
CA CYS A 577 25.33 18.35 6.60
C CYS A 577 24.77 19.75 6.54
N LYS A 578 24.47 20.22 5.33
CA LYS A 578 23.82 21.51 5.11
C LYS A 578 22.48 21.61 5.84
N ILE A 579 21.68 20.55 5.79
CA ILE A 579 20.42 20.48 6.53
C ILE A 579 20.63 20.50 8.07
N MET A 580 21.59 19.72 8.56
CA MET A 580 21.95 19.71 9.99
C MET A 580 22.40 21.08 10.49
N VAL A 581 23.15 21.80 9.66
CA VAL A 581 23.56 23.17 9.96
C VAL A 581 22.32 24.08 10.10
N ASP A 582 21.47 24.10 9.07
CA ASP A 582 20.28 24.96 9.03
C ASP A 582 19.28 24.67 10.14
N MET A 583 19.17 23.40 10.52
CA MET A 583 18.31 22.97 11.63
C MET A 583 18.64 23.70 12.95
N LEU A 584 19.92 24.02 13.13
CA LEU A 584 20.42 24.48 14.43
C LEU A 584 21.05 25.87 14.41
N ASP A 585 21.21 26.43 13.21
CA ASP A 585 21.80 27.74 13.04
C ASP A 585 20.87 28.88 13.55
N GLU A 586 20.78 29.04 14.87
CA GLU A 586 19.80 29.97 15.49
C GLU A 586 20.15 31.46 15.28
N ASP A 587 21.43 31.82 15.41
CA ASP A 587 21.90 33.09 14.88
C ASP A 587 21.98 32.86 13.37
N GLY A 588 22.14 33.91 12.57
CA GLY A 588 22.08 33.75 11.12
C GLY A 588 23.39 33.43 10.42
N SER A 589 24.37 32.94 11.18
CA SER A 589 25.75 32.81 10.70
C SER A 589 25.98 31.92 9.47
N GLY A 590 25.12 30.93 9.25
CA GLY A 590 25.32 29.94 8.19
C GLY A 590 26.34 28.85 8.51
N LYS A 591 26.83 28.87 9.76
CA LYS A 591 27.79 27.89 10.29
C LYS A 591 27.47 27.62 11.76
N LEU A 592 28.15 26.62 12.33
CA LEU A 592 27.88 26.17 13.69
C LEU A 592 28.81 26.74 14.76
N GLY A 593 28.24 27.55 15.66
CA GLY A 593 28.94 28.01 16.86
C GLY A 593 28.88 26.94 17.95
N LEU A 594 29.43 27.27 19.13
CA LEU A 594 29.60 26.30 20.22
C LEU A 594 28.34 25.54 20.66
N LYS A 595 27.31 26.28 21.06
CA LYS A 595 26.07 25.69 21.54
C LYS A 595 25.33 24.93 20.43
N GLU A 596 25.40 25.45 19.21
CA GLU A 596 24.73 24.83 18.06
C GLU A 596 25.35 23.49 17.67
N PHE A 597 26.68 23.41 17.73
CA PHE A 597 27.37 22.14 17.49
C PHE A 597 27.20 21.15 18.66
N TYR A 598 27.07 21.68 19.87
CA TYR A 598 26.77 20.85 21.04
C TYR A 598 25.42 20.16 20.90
N ILE A 599 24.37 20.92 20.58
CA ILE A 599 23.05 20.35 20.30
C ILE A 599 23.15 19.28 19.22
N LEU A 600 23.85 19.62 18.13
CA LEU A 600 24.01 18.75 16.98
C LEU A 600 24.65 17.43 17.35
N TRP A 601 25.78 17.52 18.07
CA TRP A 601 26.51 16.33 18.45
C TRP A 601 25.71 15.46 19.42
N THR A 602 24.98 16.10 20.33
CA THR A 602 24.13 15.41 21.28
C THR A 602 23.02 14.66 20.54
N LYS A 603 22.42 15.31 19.55
CA LYS A 603 21.48 14.67 18.62
C LYS A 603 22.12 13.49 17.90
N ILE A 604 23.32 13.68 17.35
CA ILE A 604 24.05 12.59 16.67
C ILE A 604 24.35 11.40 17.59
N GLN A 605 24.69 11.68 18.85
CA GLN A 605 24.92 10.65 19.86
C GLN A 605 23.68 9.81 20.12
N LYS A 606 22.52 10.46 20.18
CA LYS A 606 21.23 9.81 20.39
C LYS A 606 20.82 8.99 19.17
N TYR A 607 20.89 9.62 17.99
CA TYR A 607 20.61 8.95 16.70
C TYR A 607 21.37 7.64 16.53
N GLN A 608 22.67 7.64 16.86
CA GLN A 608 23.50 6.44 16.70
C GLN A 608 23.34 5.43 17.83
N LYS A 609 22.90 5.90 18.99
CA LYS A 609 22.59 5.02 20.11
C LYS A 609 21.37 4.19 19.74
N ILE A 610 20.30 4.88 19.34
CA ILE A 610 19.06 4.28 18.82
C ILE A 610 19.37 3.30 17.71
N TYR A 611 20.07 3.79 16.70
CA TYR A 611 20.49 3.01 15.53
C TYR A 611 21.17 1.69 15.91
N ARG A 612 22.14 1.75 16.83
CA ARG A 612 22.90 0.55 17.17
C ARG A 612 22.17 -0.43 18.10
N GLU A 613 21.35 0.10 19.01
CA GLU A 613 20.53 -0.71 19.90
C GLU A 613 19.49 -1.51 19.13
N ILE A 614 18.83 -0.83 18.19
CA ILE A 614 17.76 -1.42 17.38
C ILE A 614 18.34 -2.30 16.28
N ASP A 615 19.64 -2.19 16.05
CA ASP A 615 20.30 -2.97 15.00
C ASP A 615 20.43 -4.43 15.41
N VAL A 616 19.30 -5.14 15.29
CA VAL A 616 19.12 -6.55 15.70
C VAL A 616 20.16 -7.52 15.09
N ASP A 617 20.27 -7.47 13.77
CA ASP A 617 21.15 -8.33 13.00
C ASP A 617 22.60 -7.84 12.98
N ARG A 618 22.87 -6.72 13.66
CA ARG A 618 24.18 -6.08 13.66
C ARG A 618 24.78 -5.92 12.26
N SER A 619 23.93 -5.45 11.34
CA SER A 619 24.30 -5.22 9.94
C SER A 619 24.97 -3.85 9.75
N GLY A 620 24.80 -2.95 10.71
CA GLY A 620 25.32 -1.58 10.62
C GLY A 620 24.37 -0.68 9.84
N THR A 621 23.14 -1.18 9.63
CA THR A 621 22.13 -0.53 8.80
C THR A 621 20.75 -0.86 9.33
N MET A 622 19.77 0.00 9.00
CA MET A 622 18.36 -0.23 9.30
C MET A 622 17.59 -0.86 8.12
N ASN A 623 17.05 -2.05 8.33
CA ASN A 623 15.98 -2.56 7.48
C ASN A 623 14.66 -1.83 7.82
N SER A 624 13.60 -2.08 7.05
CA SER A 624 12.33 -1.36 7.21
C SER A 624 11.67 -1.54 8.58
N TYR A 625 11.81 -2.73 9.14
CA TYR A 625 11.30 -3.05 10.48
C TYR A 625 12.09 -2.31 11.58
N GLU A 626 13.41 -2.37 11.50
CA GLU A 626 14.28 -1.67 12.43
C GLU A 626 14.06 -0.17 12.41
N MET A 627 13.75 0.37 11.22
CA MET A 627 13.54 1.81 11.05
C MET A 627 12.28 2.28 11.76
N ARG A 628 11.23 1.45 11.69
CA ARG A 628 9.98 1.66 12.39
C ARG A 628 10.22 1.75 13.90
N LYS A 629 10.90 0.75 14.43
CA LYS A 629 11.30 0.73 15.83
C LYS A 629 12.11 1.97 16.22
N ALA A 630 13.04 2.39 15.37
CA ALA A 630 13.90 3.56 15.60
C ALA A 630 13.12 4.89 15.60
N LEU A 631 12.13 5.00 14.73
CA LEU A 631 11.23 6.16 14.70
C LEU A 631 10.40 6.27 15.99
N GLU A 632 9.82 5.17 16.44
CA GLU A 632 9.14 5.11 17.75
C GLU A 632 10.07 5.40 18.92
N GLU A 633 11.30 4.90 18.83
CA GLU A 633 12.32 5.04 19.86
C GLU A 633 12.85 6.49 19.93
N ALA A 634 12.87 7.16 18.78
CA ALA A 634 13.23 8.58 18.71
C ALA A 634 12.07 9.49 19.15
N GLY A 635 10.90 8.90 19.38
CA GLY A 635 9.79 9.61 19.98
C GLY A 635 8.68 9.99 19.01
N PHE A 636 8.72 9.41 17.82
CA PHE A 636 7.70 9.67 16.81
C PHE A 636 6.58 8.63 16.84
N LYS A 637 5.36 9.12 17.02
CA LYS A 637 4.15 8.32 16.89
C LYS A 637 3.54 8.68 15.52
N LEU A 638 3.76 7.81 14.55
CA LEU A 638 3.38 8.06 13.16
C LEU A 638 2.44 6.99 12.62
N PRO A 639 1.50 7.38 11.74
CA PRO A 639 0.65 6.40 11.07
C PRO A 639 1.46 5.61 10.04
N CYS A 640 0.92 4.47 9.61
CA CYS A 640 1.61 3.57 8.68
C CYS A 640 1.94 4.22 7.34
N GLN A 641 1.06 5.10 6.86
CA GLN A 641 1.25 5.76 5.57
C GLN A 641 2.51 6.62 5.56
N LEU A 642 2.79 7.25 6.71
CA LEU A 642 4.04 8.00 6.89
C LEU A 642 5.26 7.08 6.89
N HIS A 643 5.15 5.95 7.57
CA HIS A 643 6.25 4.99 7.68
C HIS A 643 6.69 4.46 6.31
N GLN A 644 5.71 4.10 5.49
CA GLN A 644 5.93 3.66 4.11
C GLN A 644 6.54 4.77 3.28
N VAL A 645 6.04 5.99 3.47
CA VAL A 645 6.61 7.16 2.80
C VAL A 645 8.08 7.37 3.18
N ILE A 646 8.42 7.09 4.44
CA ILE A 646 9.80 7.24 4.93
C ILE A 646 10.77 6.22 4.30
N VAL A 647 10.41 4.94 4.32
CA VAL A 647 11.18 3.87 3.64
C VAL A 647 11.35 4.12 2.12
N ALA A 648 10.33 4.69 1.50
CA ALA A 648 10.50 5.24 0.15
C ALA A 648 11.15 6.62 0.31
N ARG A 649 12.16 6.88 -0.50
CA ARG A 649 12.92 8.15 -0.44
C ARG A 649 14.17 8.02 0.43
N PHE A 650 14.04 7.40 1.60
CA PHE A 650 15.20 7.22 2.50
C PHE A 650 15.88 5.84 2.42
N ALA A 651 15.16 4.82 1.93
CA ALA A 651 15.74 3.48 1.78
C ALA A 651 16.21 3.20 0.37
N ASP A 652 17.12 2.25 0.22
CA ASP A 652 17.51 1.78 -1.11
C ASP A 652 16.50 0.75 -1.66
N ASP A 653 16.82 0.10 -2.78
CA ASP A 653 15.92 -0.88 -3.40
C ASP A 653 15.89 -2.23 -2.69
N GLU A 654 16.76 -2.39 -1.69
CA GLU A 654 16.70 -3.53 -0.78
C GLU A 654 15.97 -3.12 0.52
N LEU A 655 15.44 -1.89 0.54
CA LEU A 655 14.77 -1.31 1.72
C LEU A 655 15.69 -1.24 2.95
N ILE A 656 16.91 -0.73 2.73
CA ILE A 656 17.91 -0.57 3.75
C ILE A 656 18.20 0.93 3.86
N ILE A 657 18.32 1.40 5.09
CA ILE A 657 18.66 2.79 5.36
C ILE A 657 19.98 2.81 6.15
N ASP A 658 20.99 3.47 5.61
CA ASP A 658 22.25 3.56 6.30
C ASP A 658 22.26 4.82 7.20
N PHE A 659 23.37 5.08 7.88
CA PHE A 659 23.41 6.15 8.87
C PHE A 659 23.17 7.54 8.32
N ASP A 660 23.74 7.80 7.13
CA ASP A 660 23.57 9.06 6.41
C ASP A 660 22.10 9.38 6.22
N ASN A 661 21.35 8.43 5.66
CA ASN A 661 19.92 8.61 5.40
C ASN A 661 19.05 8.58 6.65
N PHE A 662 19.47 7.78 7.64
CA PHE A 662 18.84 7.72 8.96
C PHE A 662 18.81 9.09 9.61
N VAL A 663 19.96 9.76 9.65
CA VAL A 663 20.09 11.08 10.24
C VAL A 663 19.26 12.10 9.43
N ARG A 664 19.38 12.06 8.11
CA ARG A 664 18.63 12.94 7.21
C ARG A 664 17.12 12.80 7.44
N CYS A 665 16.67 11.56 7.57
CA CYS A 665 15.26 11.28 7.83
C CYS A 665 14.76 11.88 9.14
N LEU A 666 15.49 11.63 10.22
CA LEU A 666 15.11 12.08 11.54
C LEU A 666 15.27 13.59 11.75
N VAL A 667 16.29 14.17 11.13
CA VAL A 667 16.52 15.61 11.15
C VAL A 667 15.38 16.34 10.43
N ARG A 668 15.06 15.89 9.23
CA ARG A 668 14.02 16.47 8.40
C ARG A 668 12.65 16.41 9.08
N LEU A 669 12.34 15.25 9.66
CA LEU A 669 11.07 15.00 10.36
C LEU A 669 10.89 15.91 11.57
N GLU A 670 11.94 16.06 12.37
CA GLU A 670 11.93 17.00 13.48
C GLU A 670 11.74 18.43 12.98
N ILE A 671 12.43 18.78 11.89
CA ILE A 671 12.28 20.08 11.23
C ILE A 671 10.82 20.32 10.82
N LEU A 672 10.24 19.33 10.13
CA LEU A 672 8.88 19.44 9.60
C LEU A 672 7.78 19.55 10.66
N PHE A 673 7.94 18.81 11.75
CA PHE A 673 7.01 18.90 12.89
C PHE A 673 7.03 20.30 13.47
N LYS A 674 8.24 20.83 13.64
CA LYS A 674 8.44 22.13 14.26
C LYS A 674 8.02 23.29 13.35
N ILE A 675 8.21 23.12 12.04
CA ILE A 675 7.69 24.11 11.09
C ILE A 675 6.16 24.12 11.15
N PHE A 676 5.55 22.94 11.32
CA PHE A 676 4.10 22.86 11.43
C PHE A 676 3.53 23.50 12.72
N LYS A 677 4.13 23.20 13.88
CA LYS A 677 3.75 23.87 15.12
C LYS A 677 4.51 25.20 15.21
N GLN A 678 3.85 26.27 14.78
CA GLN A 678 4.47 27.49 14.27
C GLN A 678 3.89 27.56 12.87
N LEU A 679 3.14 28.62 12.58
CA LEU A 679 2.18 28.58 11.48
C LEU A 679 0.87 28.03 12.05
N ASP A 680 1.00 27.29 13.16
CA ASP A 680 -0.16 26.84 13.94
C ASP A 680 0.08 27.02 15.46
N PRO A 681 0.37 28.27 15.92
CA PRO A 681 0.71 28.53 17.33
C PRO A 681 -0.42 28.23 18.32
N GLU A 682 -1.65 28.13 17.83
CA GLU A 682 -2.76 27.62 18.64
C GLU A 682 -3.26 26.32 18.04
N ASN A 683 -3.06 25.23 18.77
CA ASN A 683 -3.23 23.86 18.26
C ASN A 683 -4.57 23.53 17.59
N THR A 684 -4.79 24.11 16.41
CA THR A 684 -5.84 23.69 15.49
C THR A 684 -5.25 22.61 14.58
N GLY A 685 -6.11 21.82 13.95
CA GLY A 685 -5.63 20.73 13.09
C GLY A 685 -4.77 21.16 11.90
N THR A 686 -4.98 22.38 11.41
CA THR A 686 -4.52 22.74 10.07
C THR A 686 -3.58 23.94 9.96
N ILE A 687 -3.01 24.07 8.76
CA ILE A 687 -2.11 25.15 8.40
C ILE A 687 -2.45 25.71 7.01
N GLN A 688 -2.28 27.02 6.85
CA GLN A 688 -2.70 27.70 5.63
C GLN A 688 -1.49 28.34 4.93
N LEU A 689 -1.27 27.96 3.68
CA LEU A 689 -0.11 28.40 2.90
C LEU A 689 -0.47 28.71 1.46
N ASP A 690 0.21 29.69 0.88
CA ASP A 690 0.11 29.93 -0.56
C ASP A 690 1.26 29.26 -1.31
N LEU A 691 1.13 29.19 -2.64
CA LEU A 691 2.07 28.47 -3.52
C LEU A 691 3.52 28.86 -3.26
N ILE A 692 3.77 30.16 -3.11
CA ILE A 692 5.10 30.73 -2.88
C ILE A 692 5.80 30.20 -1.63
N SER A 693 5.11 30.22 -0.48
CA SER A 693 5.71 29.66 0.74
C SER A 693 5.53 28.13 0.88
N TRP A 694 4.58 27.56 0.15
CA TRP A 694 4.44 26.10 0.10
C TRP A 694 5.68 25.51 -0.54
N LEU A 695 6.01 25.97 -1.74
CA LEU A 695 7.21 25.55 -2.47
C LEU A 695 8.48 25.89 -1.68
N SER A 696 8.40 26.95 -0.88
CA SER A 696 9.54 27.43 -0.10
C SER A 696 9.80 26.56 1.13
N PHE A 697 8.76 26.25 1.90
CA PHE A 697 8.88 25.43 3.13
C PHE A 697 9.11 23.95 2.85
N SER A 698 8.49 23.45 1.78
CA SER A 698 8.60 22.04 1.42
C SER A 698 9.94 21.69 0.78
N VAL A 699 10.54 22.65 0.07
CA VAL A 699 11.80 22.42 -0.66
C VAL A 699 13.01 22.92 0.14
N LEU A 700 12.86 24.06 0.83
CA LEU A 700 14.00 24.71 1.47
C LEU A 700 13.99 24.62 3.00
N GLY A 701 12.91 24.07 3.56
CA GLY A 701 12.83 23.77 4.99
C GLY A 701 12.91 24.97 5.93
N LYS A 702 13.90 24.93 6.82
CA LYS A 702 14.08 25.95 7.86
C LYS A 702 14.15 27.38 7.30
N LEU A 703 13.07 28.13 7.49
CA LEU A 703 12.95 29.50 6.98
C LEU A 703 12.45 30.49 8.04
N ALA A 704 11.38 30.11 8.73
CA ALA A 704 10.75 30.94 9.77
C ALA A 704 11.73 31.35 10.87
N SER B 11 1.80 11.10 -34.96
CA SER B 11 2.60 11.34 -33.73
C SER B 11 2.78 10.06 -32.91
N GLU B 12 3.40 9.05 -33.52
CA GLU B 12 3.77 7.86 -32.73
C GLU B 12 5.24 7.78 -32.35
N GLU B 13 5.73 8.87 -31.77
CA GLU B 13 6.89 8.84 -30.91
C GLU B 13 6.51 7.90 -29.76
N GLU B 14 5.20 7.72 -29.60
CA GLU B 14 4.59 6.95 -28.50
C GLU B 14 4.81 5.45 -28.59
N ARG B 15 4.66 4.87 -29.79
CA ARG B 15 4.81 3.43 -29.96
C ARG B 15 6.28 3.02 -29.89
N GLN B 16 7.16 3.93 -30.33
CA GLN B 16 8.60 3.70 -30.30
C GLN B 16 9.13 3.78 -28.88
N PHE B 17 8.58 4.71 -28.10
CA PHE B 17 8.96 4.89 -26.71
C PHE B 17 8.44 3.76 -25.81
N ARG B 18 7.31 3.16 -26.19
CA ARG B 18 6.77 2.00 -25.46
C ARG B 18 7.66 0.76 -25.56
N LYS B 19 8.17 0.48 -26.76
CA LYS B 19 9.16 -0.59 -26.98
C LYS B 19 10.48 -0.29 -26.27
N LEU B 20 10.81 1.00 -26.20
CA LEU B 20 11.99 1.48 -25.51
C LEU B 20 11.91 1.20 -24.00
N PHE B 21 10.80 1.62 -23.39
CA PHE B 21 10.55 1.35 -21.97
C PHE B 21 10.60 -0.15 -21.61
N VAL B 22 10.09 -1.00 -22.50
CA VAL B 22 10.01 -2.44 -22.24
C VAL B 22 11.40 -3.07 -22.09
N GLN B 23 12.34 -2.62 -22.92
CA GLN B 23 13.72 -3.11 -22.89
C GLN B 23 14.52 -2.73 -21.64
N LEU B 24 14.37 -1.49 -21.18
CA LEU B 24 15.09 -1.08 -19.97
C LEU B 24 14.42 -1.44 -18.66
N ALA B 25 13.10 -1.62 -18.69
CA ALA B 25 12.31 -1.88 -17.47
C ALA B 25 12.52 -3.29 -16.98
N GLY B 26 12.80 -4.21 -17.91
CA GLY B 26 13.10 -5.59 -17.58
C GLY B 26 11.86 -6.38 -17.19
N ASP B 27 12.06 -7.41 -16.37
CA ASP B 27 11.02 -8.40 -16.07
C ASP B 27 9.71 -7.84 -15.50
N ASP B 28 9.83 -6.92 -14.54
CA ASP B 28 8.65 -6.38 -13.84
C ASP B 28 7.90 -5.30 -14.61
N MET B 29 8.48 -4.89 -15.74
CA MET B 29 7.90 -3.84 -16.60
C MET B 29 7.85 -2.49 -15.91
N GLU B 30 8.75 -2.31 -14.95
CA GLU B 30 8.89 -1.06 -14.21
C GLU B 30 10.36 -0.74 -13.98
N VAL B 31 10.68 0.55 -14.05
CA VAL B 31 12.03 1.03 -13.82
C VAL B 31 12.18 1.39 -12.34
N SER B 32 13.03 0.65 -11.63
CA SER B 32 13.30 0.92 -10.23
C SER B 32 14.33 2.02 -10.12
N ALA B 33 14.53 2.49 -8.89
CA ALA B 33 15.54 3.50 -8.60
C ALA B 33 16.93 3.04 -9.04
N THR B 34 17.27 1.79 -8.76
CA THR B 34 18.55 1.20 -9.13
C THR B 34 18.74 1.23 -10.66
N GLU B 35 17.73 0.74 -11.39
CA GLU B 35 17.76 0.76 -12.87
C GLU B 35 17.83 2.19 -13.41
N LEU B 36 17.12 3.11 -12.76
CA LEU B 36 17.06 4.50 -13.21
C LEU B 36 18.41 5.17 -13.02
N MET B 37 19.06 4.89 -11.90
CA MET B 37 20.45 5.29 -11.67
C MET B 37 21.37 4.84 -12.82
N ASN B 38 21.24 3.58 -13.21
CA ASN B 38 21.98 3.03 -14.36
C ASN B 38 21.62 3.67 -15.71
N ILE B 39 20.33 3.83 -15.99
CA ILE B 39 19.88 4.47 -17.22
C ILE B 39 20.49 5.89 -17.33
N LEU B 40 20.34 6.69 -16.28
CA LEU B 40 20.71 8.10 -16.31
C LEU B 40 22.21 8.32 -16.41
N ASN B 41 22.98 7.57 -15.61
CA ASN B 41 24.43 7.63 -15.67
C ASN B 41 24.97 7.27 -17.04
N LYS B 42 24.40 6.23 -17.65
CA LYS B 42 24.82 5.78 -18.97
C LYS B 42 24.51 6.82 -20.05
N VAL B 43 23.35 7.45 -19.93
CA VAL B 43 22.86 8.45 -20.90
C VAL B 43 23.65 9.78 -20.87
N VAL B 44 23.92 10.31 -19.67
CA VAL B 44 24.68 11.57 -19.52
C VAL B 44 26.19 11.39 -19.73
N THR B 45 26.65 10.13 -19.71
CA THR B 45 28.01 9.77 -20.15
C THR B 45 28.28 10.23 -21.59
N ARG B 46 27.23 10.19 -22.41
CA ARG B 46 27.31 10.57 -23.82
C ARG B 46 27.42 12.08 -24.03
N HIS B 47 26.99 12.85 -23.02
CA HIS B 47 26.84 14.31 -23.16
C HIS B 47 27.78 15.09 -22.25
N PRO B 48 29.00 15.38 -22.74
CA PRO B 48 30.08 16.00 -21.96
C PRO B 48 29.74 17.40 -21.49
N ASP B 49 28.77 18.02 -22.14
CA ASP B 49 28.33 19.36 -21.78
C ASP B 49 27.26 19.33 -20.68
N LEU B 50 26.79 18.14 -20.33
CA LEU B 50 25.95 17.95 -19.15
C LEU B 50 26.83 17.41 -18.01
N LYS B 51 27.61 18.30 -17.41
CA LYS B 51 28.56 17.94 -16.37
C LYS B 51 27.85 17.54 -15.08
N THR B 52 28.31 16.45 -14.47
CA THR B 52 27.69 15.83 -13.30
C THR B 52 28.62 14.82 -12.63
N ASP B 53 28.55 14.72 -11.31
CA ASP B 53 29.29 13.69 -10.58
C ASP B 53 28.51 12.37 -10.48
N GLY B 54 27.41 12.30 -11.23
CA GLY B 54 26.58 11.10 -11.27
C GLY B 54 25.29 11.23 -10.50
N PHE B 55 24.29 10.45 -10.94
CA PHE B 55 23.09 10.23 -10.16
C PHE B 55 23.35 9.09 -9.15
N GLY B 56 23.24 9.39 -7.86
CA GLY B 56 23.34 8.36 -6.82
C GLY B 56 21.99 7.71 -6.57
N ILE B 57 22.01 6.57 -5.89
CA ILE B 57 20.79 5.83 -5.59
C ILE B 57 19.83 6.67 -4.72
N ASP B 58 20.42 7.41 -3.78
CA ASP B 58 19.76 8.43 -2.95
C ASP B 58 18.90 9.39 -3.78
N THR B 59 19.51 9.99 -4.80
CA THR B 59 18.82 10.91 -5.72
C THR B 59 17.74 10.23 -6.56
N CYS B 60 18.06 9.05 -7.08
CA CYS B 60 17.15 8.32 -7.96
C CYS B 60 15.94 7.76 -7.24
N ARG B 61 16.15 7.42 -5.98
CA ARG B 61 15.09 6.96 -5.12
C ARG B 61 14.09 8.09 -4.83
N SER B 62 14.62 9.30 -4.69
CA SER B 62 13.80 10.50 -4.47
C SER B 62 12.96 10.81 -5.69
N MET B 63 13.55 10.65 -6.86
CA MET B 63 12.84 10.82 -8.12
C MET B 63 11.70 9.82 -8.31
N VAL B 64 11.96 8.56 -7.98
CA VAL B 64 10.96 7.48 -8.04
C VAL B 64 9.83 7.72 -7.02
N ALA B 65 10.21 8.08 -5.79
CA ALA B 65 9.23 8.37 -4.75
C ALA B 65 8.17 9.37 -5.19
N VAL B 66 8.59 10.50 -5.75
CA VAL B 66 7.67 11.59 -6.07
C VAL B 66 6.84 11.40 -7.34
N MET B 67 7.33 10.51 -8.22
CA MET B 67 6.58 10.10 -9.41
C MET B 67 5.71 8.89 -9.17
N ASP B 68 5.94 8.20 -8.05
CA ASP B 68 5.31 6.90 -7.79
C ASP B 68 3.82 6.94 -7.45
N SER B 69 3.02 7.35 -8.44
CA SER B 69 1.59 7.58 -8.26
C SER B 69 0.83 6.37 -7.73
N ASP B 70 1.15 5.19 -8.25
CA ASP B 70 0.44 3.96 -7.86
C ASP B 70 1.05 3.22 -6.67
N THR B 71 2.11 3.79 -6.09
CA THR B 71 2.81 3.25 -4.89
C THR B 71 3.33 1.81 -5.07
N THR B 72 3.97 1.58 -6.21
CA THR B 72 4.64 0.30 -6.53
C THR B 72 6.12 0.28 -6.10
N GLY B 73 6.70 1.46 -5.86
CA GLY B 73 8.10 1.56 -5.47
C GLY B 73 9.02 1.70 -6.67
N LYS B 74 8.45 1.55 -7.86
CA LYS B 74 9.16 1.65 -9.13
C LYS B 74 8.34 2.52 -10.08
N LEU B 75 8.93 2.90 -11.21
CA LEU B 75 8.22 3.69 -12.22
C LEU B 75 7.63 2.82 -13.32
N GLY B 76 6.32 2.92 -13.49
CA GLY B 76 5.63 2.29 -14.61
C GLY B 76 5.80 3.17 -15.83
N PHE B 77 5.31 2.71 -16.97
CA PHE B 77 5.47 3.43 -18.23
C PHE B 77 5.11 4.91 -18.15
N GLU B 78 3.88 5.19 -17.73
CA GLU B 78 3.34 6.55 -17.64
C GLU B 78 4.15 7.46 -16.70
N GLU B 79 4.73 6.87 -15.66
CA GLU B 79 5.53 7.60 -14.68
C GLU B 79 6.90 7.91 -15.24
N PHE B 80 7.47 6.92 -15.95
CA PHE B 80 8.76 7.09 -16.59
C PHE B 80 8.68 8.10 -17.72
N LYS B 81 7.61 8.02 -18.50
CA LYS B 81 7.38 8.89 -19.64
C LYS B 81 7.34 10.34 -19.20
N TYR B 82 6.59 10.61 -18.13
CA TYR B 82 6.46 11.94 -17.55
C TYR B 82 7.79 12.44 -17.01
N LEU B 83 8.48 11.59 -16.25
CA LEU B 83 9.81 11.96 -15.74
C LEU B 83 10.75 12.27 -16.90
N TRP B 84 10.81 11.36 -17.88
CA TRP B 84 11.74 11.48 -18.99
C TRP B 84 11.50 12.75 -19.79
N ASN B 85 10.24 13.01 -20.13
CA ASN B 85 9.86 14.20 -20.89
C ASN B 85 10.24 15.49 -20.17
N ASN B 86 10.18 15.46 -18.84
CA ASN B 86 10.63 16.59 -18.02
C ASN B 86 12.14 16.77 -18.15
N ILE B 87 12.88 15.68 -18.02
CA ILE B 87 14.35 15.67 -18.19
C ILE B 87 14.76 16.16 -19.60
N LYS B 88 14.03 15.69 -20.61
CA LYS B 88 14.23 16.10 -22.00
C LYS B 88 14.10 17.63 -22.13
N LYS B 89 13.09 18.21 -21.47
CA LYS B 89 12.83 19.65 -21.49
C LYS B 89 13.85 20.42 -20.68
N TRP B 90 14.09 19.95 -19.45
CA TRP B 90 15.02 20.59 -18.53
C TRP B 90 16.50 20.55 -18.98
N GLN B 91 16.87 19.50 -19.72
CA GLN B 91 18.21 19.37 -20.27
C GLN B 91 18.50 20.46 -21.31
N GLY B 92 17.48 20.81 -22.09
CA GLY B 92 17.57 21.88 -23.08
C GLY B 92 17.64 23.25 -22.45
N ILE B 93 16.83 23.46 -21.41
CA ILE B 93 16.92 24.66 -20.56
C ILE B 93 18.35 24.82 -20.02
N TYR B 94 18.86 23.74 -19.45
CA TYR B 94 20.20 23.67 -18.88
C TYR B 94 21.29 24.12 -19.88
N LYS B 95 21.22 23.58 -21.09
CA LYS B 95 22.20 23.87 -22.14
C LYS B 95 22.09 25.31 -22.64
N ARG B 96 20.84 25.77 -22.80
CA ARG B 96 20.55 27.13 -23.25
C ARG B 96 21.08 28.17 -22.28
N PHE B 97 20.90 27.92 -20.99
CA PHE B 97 21.26 28.91 -19.97
C PHE B 97 22.64 28.68 -19.34
N ASP B 98 23.36 27.70 -19.85
CA ASP B 98 24.80 27.57 -19.62
C ASP B 98 25.50 28.47 -20.66
N THR B 99 25.37 29.78 -20.45
CA THR B 99 25.81 30.77 -21.43
C THR B 99 27.34 30.89 -21.48
N ASP B 100 28.01 30.58 -20.37
CA ASP B 100 29.48 30.58 -20.35
C ASP B 100 30.06 29.24 -20.79
N ARG B 101 29.20 28.34 -21.24
CA ARG B 101 29.53 26.93 -21.58
C ARG B 101 30.60 26.31 -20.67
N SER B 102 30.21 26.07 -19.42
CA SER B 102 31.04 25.45 -18.40
C SER B 102 30.53 24.05 -18.02
N GLY B 103 29.38 23.68 -18.58
CA GLY B 103 28.76 22.37 -18.30
C GLY B 103 27.91 22.37 -17.05
N THR B 104 27.92 23.50 -16.33
CA THR B 104 27.16 23.69 -15.09
C THR B 104 26.40 25.01 -15.12
N ILE B 105 25.44 25.12 -14.21
CA ILE B 105 24.63 26.32 -14.07
C ILE B 105 25.04 27.12 -12.82
N GLY B 106 25.60 28.30 -13.04
CA GLY B 106 26.06 29.17 -11.95
C GLY B 106 24.92 29.97 -11.34
N SER B 107 25.20 30.69 -10.25
CA SER B 107 24.16 31.46 -9.57
C SER B 107 23.62 32.61 -10.42
N ASN B 108 24.38 33.03 -11.43
CA ASN B 108 23.95 34.05 -12.39
C ASN B 108 23.12 33.46 -13.54
N GLU B 109 23.31 32.18 -13.79
CA GLU B 109 22.65 31.44 -14.87
C GLU B 109 21.34 30.81 -14.38
N LEU B 110 21.27 30.59 -13.06
CA LEU B 110 20.17 29.87 -12.40
C LEU B 110 18.78 30.50 -12.54
N PRO B 111 18.64 31.83 -12.27
CA PRO B 111 17.30 32.40 -12.32
C PRO B 111 16.64 32.24 -13.68
N GLY B 112 17.33 32.61 -14.76
CA GLY B 112 16.82 32.51 -16.12
C GLY B 112 16.46 31.10 -16.53
N ALA B 113 17.10 30.12 -15.89
CA ALA B 113 16.89 28.69 -16.19
C ALA B 113 15.72 28.08 -15.43
N PHE B 114 15.54 28.47 -14.16
CA PHE B 114 14.34 28.07 -13.44
C PHE B 114 13.10 28.78 -13.99
N GLU B 115 13.26 30.05 -14.39
CA GLU B 115 12.21 30.80 -15.05
C GLU B 115 11.69 30.07 -16.29
N ALA B 116 12.61 29.68 -17.17
CA ALA B 116 12.24 29.01 -18.42
C ALA B 116 11.58 27.64 -18.20
N ALA B 117 11.90 27.01 -17.08
CA ALA B 117 11.28 25.74 -16.70
C ALA B 117 9.85 25.93 -16.19
N GLY B 118 9.47 27.18 -15.93
CA GLY B 118 8.14 27.50 -15.39
C GLY B 118 8.15 27.81 -13.91
N PHE B 119 9.33 28.02 -13.35
CA PHE B 119 9.48 28.39 -11.95
C PHE B 119 10.02 29.82 -11.82
N HIS B 120 9.08 30.74 -11.68
CA HIS B 120 9.39 32.16 -11.70
C HIS B 120 9.47 32.66 -10.25
N LEU B 121 10.64 32.50 -9.65
CA LEU B 121 10.81 32.78 -8.23
C LEU B 121 11.36 34.20 -8.03
N ASN B 122 12.01 34.44 -6.90
CA ASN B 122 12.62 35.74 -6.63
C ASN B 122 14.08 35.61 -6.16
N GLN B 123 14.75 36.74 -5.99
CA GLN B 123 16.16 36.78 -5.57
C GLN B 123 16.41 35.91 -4.33
N HIS B 124 15.56 36.08 -3.32
CA HIS B 124 15.67 35.34 -2.05
C HIS B 124 15.57 33.82 -2.25
N ILE B 125 14.52 33.36 -2.94
CA ILE B 125 14.32 31.93 -3.17
C ILE B 125 15.49 31.32 -3.95
N TYR B 126 15.90 31.98 -5.05
CA TYR B 126 17.03 31.51 -5.87
C TYR B 126 18.33 31.39 -5.06
N SER B 127 18.53 32.32 -4.13
CA SER B 127 19.69 32.32 -3.25
C SER B 127 19.67 31.15 -2.27
N MET B 128 18.48 30.79 -1.80
CA MET B 128 18.33 29.63 -0.90
C MET B 128 18.51 28.30 -1.66
N ILE B 129 17.99 28.25 -2.89
CA ILE B 129 18.23 27.13 -3.81
C ILE B 129 19.73 26.95 -4.02
N ILE B 130 20.41 28.04 -4.39
CA ILE B 130 21.86 28.01 -4.62
C ILE B 130 22.63 27.56 -3.36
N ARG B 131 22.17 27.96 -2.18
CA ARG B 131 22.77 27.46 -0.95
C ARG B 131 22.52 25.96 -0.74
N ARG B 132 21.29 25.52 -0.98
CA ARG B 132 20.92 24.14 -0.69
C ARG B 132 21.38 23.14 -1.75
N TYR B 133 21.46 23.58 -3.00
CA TYR B 133 21.73 22.69 -4.14
C TYR B 133 23.03 22.94 -4.90
N SER B 134 23.78 23.98 -4.54
CA SER B 134 25.09 24.23 -5.12
C SER B 134 26.16 24.24 -4.04
N ASP B 135 27.20 23.43 -4.27
CA ASP B 135 28.38 23.36 -3.40
C ASP B 135 29.58 23.95 -4.15
N GLU B 136 29.59 23.72 -5.46
CA GLU B 136 30.61 24.25 -6.35
C GLU B 136 30.48 25.77 -6.54
N THR B 137 30.98 26.54 -5.57
CA THR B 137 31.00 28.01 -5.61
C THR B 137 29.77 28.65 -6.28
N GLY B 138 28.59 28.15 -5.93
CA GLY B 138 27.34 28.60 -6.54
C GLY B 138 27.08 28.01 -7.91
N ASN B 139 27.75 26.92 -8.25
CA ASN B 139 27.47 26.21 -9.52
C ASN B 139 26.74 24.89 -9.28
N MET B 140 25.74 24.63 -10.11
CA MET B 140 24.87 23.47 -9.95
C MET B 140 25.08 22.43 -11.07
N ASP B 141 25.46 21.22 -10.66
CA ASP B 141 25.59 20.06 -11.56
C ASP B 141 24.31 19.71 -12.31
N PHE B 142 24.42 18.81 -13.28
CA PHE B 142 23.25 18.34 -13.99
C PHE B 142 22.33 17.50 -13.10
N ASP B 143 22.93 16.66 -12.26
CA ASP B 143 22.17 15.82 -11.34
C ASP B 143 21.46 16.59 -10.20
N ASN B 144 22.10 17.64 -9.66
CA ASN B 144 21.49 18.48 -8.64
C ASN B 144 20.34 19.28 -9.22
N PHE B 145 20.55 19.73 -10.45
CA PHE B 145 19.60 20.54 -11.23
C PHE B 145 18.32 19.75 -11.51
N ILE B 146 18.46 18.60 -12.16
CA ILE B 146 17.32 17.69 -12.37
C ILE B 146 16.62 17.34 -11.05
N SER B 147 17.41 16.93 -10.06
CA SER B 147 16.93 16.64 -8.71
C SER B 147 16.08 17.79 -8.13
N CYS B 148 16.59 19.02 -8.20
CA CYS B 148 15.88 20.18 -7.64
C CYS B 148 14.56 20.45 -8.36
N LEU B 149 14.57 20.35 -9.70
CA LEU B 149 13.40 20.63 -10.51
C LEU B 149 12.32 19.56 -10.39
N VAL B 150 12.73 18.29 -10.28
CA VAL B 150 11.81 17.19 -10.04
C VAL B 150 11.00 17.50 -8.78
N ARG B 151 11.72 17.93 -7.74
CA ARG B 151 11.17 18.27 -6.44
C ARG B 151 10.21 19.47 -6.50
N LEU B 152 10.67 20.59 -7.06
CA LEU B 152 9.86 21.77 -7.33
C LEU B 152 8.58 21.44 -8.09
N ASP B 153 8.72 20.64 -9.16
CA ASP B 153 7.59 20.21 -9.97
C ASP B 153 6.59 19.38 -9.16
N ALA B 154 7.11 18.51 -8.30
CA ALA B 154 6.29 17.63 -7.48
C ALA B 154 5.46 18.42 -6.49
N MET B 155 6.12 19.37 -5.82
CA MET B 155 5.49 20.24 -4.84
C MET B 155 4.50 21.22 -5.50
N PHE B 156 4.78 21.57 -6.75
CA PHE B 156 3.88 22.40 -7.56
C PHE B 156 2.59 21.66 -7.90
N ARG B 157 2.72 20.42 -8.37
CA ARG B 157 1.58 19.52 -8.65
C ARG B 157 0.77 19.25 -7.38
N ALA B 158 1.47 19.02 -6.28
CA ALA B 158 0.85 18.82 -4.97
C ALA B 158 -0.02 20.01 -4.57
N PHE B 159 0.48 21.22 -4.81
CA PHE B 159 -0.26 22.44 -4.49
C PHE B 159 -1.50 22.58 -5.38
N ARG B 160 -1.30 22.46 -6.70
CA ARG B 160 -2.40 22.57 -7.68
C ARG B 160 -3.54 21.59 -7.37
N SER B 161 -3.18 20.34 -7.09
CA SER B 161 -4.14 19.31 -6.67
C SER B 161 -4.86 19.62 -5.36
N LEU B 162 -4.16 20.22 -4.39
CA LEU B 162 -4.80 20.55 -3.12
C LEU B 162 -5.57 21.86 -3.16
N ASP B 163 -5.29 22.70 -4.16
CA ASP B 163 -6.06 23.91 -4.37
C ASP B 163 -7.12 23.71 -5.45
N LYS B 164 -8.19 23.01 -5.07
CA LYS B 164 -9.24 22.58 -6.00
C LYS B 164 -10.22 23.70 -6.34
N ASN B 165 -10.58 24.50 -5.34
CA ASN B 165 -11.38 25.72 -5.56
C ASN B 165 -10.64 26.84 -6.30
N GLY B 166 -9.31 26.74 -6.37
CA GLY B 166 -8.47 27.71 -7.08
C GLY B 166 -8.36 29.06 -6.39
N THR B 167 -8.11 29.05 -5.09
CA THR B 167 -7.99 30.29 -4.29
C THR B 167 -6.54 30.78 -4.17
N GLY B 168 -5.58 29.95 -4.54
CA GLY B 168 -4.16 30.24 -4.31
C GLY B 168 -3.74 29.96 -2.87
N GLN B 169 -4.60 29.23 -2.14
CA GLN B 169 -4.41 28.93 -0.73
C GLN B 169 -4.77 27.48 -0.45
N ILE B 170 -3.87 26.75 0.20
CA ILE B 170 -4.15 25.39 0.69
C ILE B 170 -4.13 25.34 2.22
N GLN B 171 -4.93 24.44 2.79
CA GLN B 171 -4.85 24.17 4.23
C GLN B 171 -4.70 22.68 4.50
N VAL B 172 -3.61 22.34 5.18
CA VAL B 172 -3.25 20.95 5.43
C VAL B 172 -3.23 20.63 6.93
N ASN B 173 -3.59 19.38 7.27
CA ASN B 173 -3.36 18.90 8.63
C ASN B 173 -1.93 18.37 8.77
N ILE B 174 -1.55 17.93 9.97
CA ILE B 174 -0.16 17.46 10.18
C ILE B 174 0.18 16.23 9.32
N GLN B 175 -0.83 15.41 9.04
CA GLN B 175 -0.59 14.18 8.29
C GLN B 175 -0.25 14.44 6.83
N GLU B 176 -1.05 15.23 6.13
CA GLU B 176 -0.79 15.57 4.73
C GLU B 176 0.46 16.44 4.56
N TRP B 177 0.66 17.39 5.48
CA TRP B 177 1.91 18.16 5.57
C TRP B 177 3.17 17.27 5.57
N LEU B 178 3.24 16.33 6.51
CA LEU B 178 4.38 15.39 6.57
C LEU B 178 4.43 14.42 5.39
N GLN B 179 3.27 13.96 4.93
CA GLN B 179 3.20 13.10 3.75
C GLN B 179 3.69 13.79 2.47
N LEU B 180 3.41 15.07 2.30
CA LEU B 180 3.87 15.81 1.11
C LEU B 180 5.33 16.28 1.22
N THR B 181 5.70 16.85 2.36
CA THR B 181 7.02 17.48 2.49
C THR B 181 8.17 16.50 2.70
N MET B 182 7.88 15.30 3.17
CA MET B 182 8.92 14.31 3.43
C MET B 182 9.45 13.62 2.17
N TYR B 183 8.74 13.85 1.07
CA TYR B 183 9.18 13.43 -0.26
C TYR B 183 10.37 14.27 -0.71
N SER B 184 10.21 15.59 -0.64
CA SER B 184 11.26 16.55 -0.92
C SER B 184 12.41 16.47 0.09
N GLU C 2 45.52 17.84 19.10
CA GLU C 2 45.00 18.99 18.31
C GLU C 2 44.39 18.52 16.98
N LEU C 3 43.08 18.28 17.01
CA LEU C 3 42.23 17.89 15.85
C LEU C 3 42.08 16.38 15.66
N ASP C 4 43.20 15.66 15.56
CA ASP C 4 43.17 14.20 15.56
C ASP C 4 42.70 13.68 16.92
N ASP C 5 43.11 14.37 17.99
CA ASP C 5 42.66 14.06 19.35
C ASP C 5 41.17 14.35 19.51
N ALA C 6 40.72 15.49 18.98
CA ALA C 6 39.30 15.90 19.05
C ALA C 6 38.38 14.90 18.37
N LEU C 7 38.84 14.34 17.24
CA LEU C 7 38.08 13.32 16.50
C LEU C 7 38.04 11.97 17.23
N ASP C 8 39.19 11.54 17.79
CA ASP C 8 39.25 10.36 18.67
C ASP C 8 38.28 10.49 19.84
N GLU C 9 38.10 11.72 20.32
CA GLU C 9 37.29 12.01 21.50
C GLU C 9 35.80 12.07 21.15
N LEU C 10 35.49 12.58 19.96
CA LEU C 10 34.12 12.52 19.45
C LEU C 10 33.68 11.08 19.24
N SER C 11 34.58 10.28 18.67
CA SER C 11 34.38 8.85 18.46
C SER C 11 34.19 8.07 19.76
N ASP C 12 35.05 8.31 20.75
CA ASP C 12 34.94 7.66 22.05
C ASP C 12 33.63 7.99 22.74
N SER C 13 33.11 9.18 22.47
CA SER C 13 31.85 9.64 23.07
C SER C 13 30.63 8.90 22.51
N LEU C 14 30.80 8.20 21.40
CA LEU C 14 29.69 7.45 20.79
C LEU C 14 29.39 6.15 21.54
N GLY C 15 30.36 5.69 22.32
CA GLY C 15 30.19 4.52 23.16
C GLY C 15 30.52 3.22 22.47
N GLN C 16 30.49 2.14 23.24
CA GLN C 16 30.77 0.79 22.76
C GLN C 16 29.49 -0.04 22.67
N ARG C 17 29.36 -0.80 21.60
CA ARG C 17 28.12 -1.53 21.29
C ARG C 17 27.98 -2.83 22.08
N GLN C 18 26.80 -3.46 21.96
CA GLN C 18 26.54 -4.85 22.37
C GLN C 18 26.58 -5.08 23.90
N PRO C 19 26.73 -6.35 24.35
CA PRO C 19 26.83 -7.60 23.61
C PRO C 19 25.45 -8.27 23.43
N PRO C 26 26.98 -20.67 21.20
CA PRO C 26 25.79 -20.79 20.36
C PRO C 26 24.91 -21.96 20.76
N LEU C 27 23.67 -21.98 20.26
CA LEU C 27 22.66 -22.97 20.61
C LEU C 27 22.17 -23.83 19.43
N ASP C 28 21.74 -25.04 19.74
CA ASP C 28 21.04 -25.91 18.80
C ASP C 28 19.54 -25.84 19.09
N ASP C 29 18.73 -26.19 18.09
CA ASP C 29 17.27 -26.11 18.20
C ASP C 29 16.76 -27.10 19.25
N LYS C 30 16.33 -26.55 20.39
CA LYS C 30 15.85 -27.36 21.51
C LYS C 30 14.42 -27.83 21.29
N VAL C 31 13.50 -26.89 21.08
CA VAL C 31 12.08 -27.22 20.96
C VAL C 31 11.73 -27.79 19.58
N LYS C 32 12.49 -27.41 18.55
CA LYS C 32 12.30 -27.89 17.17
C LYS C 32 10.83 -27.82 16.77
N GLU C 33 10.27 -26.61 16.85
CA GLU C 33 8.89 -26.36 16.48
C GLU C 33 8.75 -26.38 14.96
N LYS C 34 7.78 -27.17 14.48
CA LYS C 34 7.57 -27.35 13.04
C LYS C 34 6.17 -26.92 12.57
N ILE C 35 6.15 -26.39 11.35
CA ILE C 35 4.95 -25.80 10.74
C ILE C 35 4.65 -26.55 9.43
N LYS C 36 3.37 -26.80 9.19
CA LYS C 36 2.90 -27.41 7.94
C LYS C 36 2.20 -26.37 7.09
N ALA C 37 2.35 -26.48 5.77
CA ALA C 37 1.74 -25.55 4.83
C ALA C 37 0.54 -26.15 4.13
N GLU C 38 -0.51 -25.34 3.96
CA GLU C 38 -1.68 -25.69 3.20
C GLU C 38 -1.79 -24.84 1.94
N HIS C 39 -2.39 -25.43 0.91
CA HIS C 39 -2.72 -24.67 -0.29
C HIS C 39 -4.22 -24.38 -0.27
N SER C 40 -4.58 -23.17 -0.68
CA SER C 40 -5.98 -22.76 -0.69
C SER C 40 -6.61 -23.05 -2.05
N GLU C 41 -7.94 -23.09 -2.05
CA GLU C 41 -8.69 -23.24 -3.29
C GLU C 41 -8.87 -21.85 -3.89
N LYS C 42 -8.58 -21.71 -5.17
CA LYS C 42 -8.69 -20.42 -5.86
C LYS C 42 -9.93 -20.41 -6.75
N LEU C 43 -10.94 -19.65 -6.34
CA LEU C 43 -12.24 -19.71 -7.00
C LEU C 43 -12.19 -18.92 -8.30
N GLY C 44 -12.62 -19.57 -9.38
CA GLY C 44 -12.55 -19.00 -10.71
C GLY C 44 -11.27 -19.29 -11.48
N GLU C 45 -10.29 -19.94 -10.83
CA GLU C 45 -9.00 -20.23 -11.47
C GLU C 45 -9.13 -21.21 -12.66
N ARG C 46 -10.12 -22.10 -12.59
CA ARG C 46 -10.35 -23.04 -13.71
C ARG C 46 -11.18 -22.38 -14.79
N ASP C 47 -10.70 -22.50 -16.04
CA ASP C 47 -11.37 -21.93 -17.22
C ASP C 47 -12.79 -22.46 -17.45
N ASP C 48 -13.07 -23.69 -17.02
CA ASP C 48 -14.42 -24.26 -17.13
C ASP C 48 -15.40 -23.80 -16.04
N THR C 49 -15.02 -22.79 -15.26
CA THR C 49 -15.91 -22.16 -14.29
C THR C 49 -16.39 -20.81 -14.85
N ILE C 50 -15.95 -20.49 -16.07
CA ILE C 50 -16.43 -19.36 -16.85
C ILE C 50 -17.61 -19.83 -17.72
N PRO C 51 -18.64 -18.98 -17.91
CA PRO C 51 -19.83 -19.44 -18.66
C PRO C 51 -19.47 -19.85 -20.09
N PRO C 52 -19.97 -21.02 -20.55
CA PRO C 52 -19.66 -21.52 -21.90
C PRO C 52 -19.80 -20.44 -22.97
N GLU C 53 -20.92 -19.71 -22.91
CA GLU C 53 -21.25 -18.63 -23.83
C GLU C 53 -20.08 -17.65 -23.98
N TYR C 54 -19.46 -17.29 -22.86
CA TYR C 54 -18.36 -16.31 -22.84
C TYR C 54 -17.01 -16.92 -23.10
N ARG C 55 -16.91 -18.24 -22.94
CA ARG C 55 -15.74 -18.98 -23.40
C ARG C 55 -15.66 -18.97 -24.93
N HIS C 56 -16.74 -19.38 -25.59
CA HIS C 56 -16.85 -19.32 -27.06
C HIS C 56 -16.61 -17.92 -27.64
N LEU C 57 -17.17 -16.90 -27.00
CA LEU C 57 -16.95 -15.50 -27.36
C LEU C 57 -15.47 -15.11 -27.33
N LEU C 58 -14.78 -15.48 -26.27
CA LEU C 58 -13.35 -15.25 -26.10
C LEU C 58 -12.51 -16.04 -27.11
N ASP C 59 -12.85 -17.32 -27.28
CA ASP C 59 -12.11 -18.22 -28.17
C ASP C 59 -12.53 -18.06 -29.65
N ASN C 60 -13.08 -16.90 -29.98
CA ASN C 60 -13.52 -16.57 -31.35
C ASN C 60 -14.74 -17.36 -31.82
N GLN C 81 19.42 0.82 -32.66
CA GLN C 81 20.17 1.18 -31.46
C GLN C 81 19.65 0.40 -30.25
N ASP C 82 20.58 -0.06 -29.40
CA ASP C 82 20.22 -0.57 -28.07
C ASP C 82 19.70 0.60 -27.22
N PRO C 83 18.85 0.31 -26.20
CA PRO C 83 17.97 1.29 -25.56
C PRO C 83 18.61 2.59 -25.07
N ILE C 84 19.83 2.52 -24.54
CA ILE C 84 20.51 3.69 -23.98
C ILE C 84 20.84 4.73 -25.06
N ASP C 85 21.20 4.24 -26.26
CA ASP C 85 21.49 5.09 -27.42
C ASP C 85 20.24 5.80 -27.95
N ALA C 86 19.11 5.10 -27.97
CA ALA C 86 17.84 5.72 -28.36
C ALA C 86 17.46 6.87 -27.42
N LEU C 87 17.61 6.67 -26.11
CA LEU C 87 17.34 7.72 -25.11
C LEU C 87 18.37 8.84 -25.15
N SER C 88 19.64 8.48 -25.24
CA SER C 88 20.72 9.47 -25.36
C SER C 88 20.47 10.41 -26.53
N GLU C 89 19.83 9.89 -27.58
CA GLU C 89 19.49 10.62 -28.79
C GLU C 89 18.40 11.68 -28.57
N ASP C 90 17.51 11.45 -27.60
CA ASP C 90 16.52 12.47 -27.17
C ASP C 90 17.16 13.75 -26.62
N LEU C 91 18.37 13.61 -26.08
CA LEU C 91 19.17 14.75 -25.60
C LEU C 91 20.14 15.24 -26.69
N ASP C 92 19.92 14.75 -27.92
CA ASP C 92 20.77 14.97 -29.09
C ASP C 92 22.28 14.98 -28.82
#